data_4P4E
#
_entry.id   4P4E
#
_cell.length_a   101.749
_cell.length_b   130.680
_cell.length_c   159.522
_cell.angle_alpha   90.00
_cell.angle_beta   90.00
_cell.angle_gamma   90.00
#
_symmetry.space_group_name_H-M   'I 2 2 2'
#
loop_
_entity.id
_entity.type
_entity.pdbx_description
1 polymer 'Glutamate carboxypeptidase 2'
2 branched 2-acetamido-2-deoxy-beta-D-glucopyranose-(1-4)-2-acetamido-2-deoxy-beta-D-glucopyranose
3 branched 2-acetamido-2-deoxy-beta-D-glucopyranose-(1-4)-[alpha-L-fucopyranose-(1-6)]2-acetamido-2-deoxy-beta-D-glucopyranose
4 branched beta-D-mannopyranose-(1-4)-2-acetamido-2-deoxy-beta-D-glucopyranose-(1-4)-2-acetamido-2-deoxy-beta-D-glucopyranose
5 branched alpha-D-mannopyranose-(1-3)-beta-D-mannopyranose-(1-4)-2-acetamido-2-deoxy-beta-D-glucopyranose-(1-4)-2-acetamido-2-deoxy-beta-D-glucopyranose
6 non-polymer 2-acetamido-2-deoxy-beta-D-glucopyranose
7 non-polymer 'ZINC ION'
8 non-polymer 'CALCIUM ION'
9 non-polymer 'CHLORIDE ION'
10 non-polymer 'N-[(S)-hydroxy(4-phenylbutoxy)phosphoryl]-L-glutamic acid'
11 water water
#
_entity_poly.entity_id   1
_entity_poly.type   'polypeptide(L)'
_entity_poly.pdbx_seq_one_letter_code
;KSSNEATNITPKHNMKAFLDELKAENIKKFLYNFTQIPHLAGTEQNFQLAKQIQSQWKEFGLDSVELAHYDVLLSYPNKT
HPNYISIINEDGNEIFNTSLFEPPPPGYENVSDIVPPFSAFSPQGMPEGDLVYVNYARTEDFFKLERDMKINCSGKIVIA
RYGKVFRGNKVKNAQLAGAKGVILYSDPADYFAPGVKSYPDGWNLPGGGVQRGNILNLNGAGDPLTPGYPANEYAYRRGI
AEAVGLPSIPVHPIGYYDAQKLLEKMGGSAPPDSSWRGSLKVPYNVGPGFTGNFSTQKVKMHIHSTNEVTRIYNVIGTLR
GAVEPDRYVILGGHRDSWVFGGIDPQSGAAVVHEIVRSFGTLKKEGWRPRRTILFASWDAEEFGLLGSTEWAEENSRLLQ
ERGVAYINADSSIEGNYTLRVDCTPLMYSLVHNLTKELKSPDEGFEGKSLYESWTKKSPSPEFSGMPRISKLGSGNDFEV
FFQRLGIASGRARYTKNWETNKFSGYPLYHSVYETYELVEKFYDPMFKYHLTVAQVRGGMVFELANSIVLPFDCRDYAVV
LRKYADKIYSISMKHPQEMKTYSVSFDSLFSAVKNFTEIASKFSERLQDFDKSNPIVLRMMNDQLMFLERAFIDPLGLPD
RPFYRHVIYAPSSHNKYAGESFPGIYDALFDIESKVDPSKAWGEVKRQIYVAAFTVQAAAETLSEVA
;
_entity_poly.pdbx_strand_id   A
#
loop_
_chem_comp.id
_chem_comp.type
_chem_comp.name
_chem_comp.formula
2G4 non-polymer 'N-[(S)-hydroxy(4-phenylbutoxy)phosphoryl]-L-glutamic acid' 'C15 H22 N O7 P'
BMA D-saccharide, beta linking beta-D-mannopyranose 'C6 H12 O6'
CA non-polymer 'CALCIUM ION' 'Ca 2'
CL non-polymer 'CHLORIDE ION' 'Cl -1'
FUC L-saccharide, alpha linking alpha-L-fucopyranose 'C6 H12 O5'
MAN D-saccharide, alpha linking alpha-D-mannopyranose 'C6 H12 O6'
NAG D-saccharide, beta linking 2-acetamido-2-deoxy-beta-D-glucopyranose 'C8 H15 N O6'
ZN non-polymer 'ZINC ION' 'Zn 2'
#
# COMPACT_ATOMS: atom_id res chain seq x y z
N LYS A 12 35.00 -8.81 -11.95
CA LYS A 12 34.38 -9.49 -10.76
C LYS A 12 32.84 -9.38 -10.77
N HIS A 13 32.19 -10.36 -10.13
CA HIS A 13 30.74 -10.38 -10.00
C HIS A 13 30.41 -9.99 -8.58
N ASN A 14 30.19 -8.70 -8.36
CA ASN A 14 29.89 -8.15 -7.06
C ASN A 14 28.75 -7.16 -7.24
N MET A 15 28.40 -6.42 -6.21
CA MET A 15 27.20 -5.59 -6.33
C MET A 15 27.45 -4.51 -7.38
N LYS A 16 28.65 -3.95 -7.43
CA LYS A 16 28.92 -2.93 -8.40
C LYS A 16 28.70 -3.40 -9.84
N ALA A 17 29.07 -4.66 -10.15
CA ALA A 17 28.86 -5.23 -11.51
C ALA A 17 27.37 -5.26 -11.82
N PHE A 18 26.60 -5.77 -10.84
CA PHE A 18 25.15 -5.79 -10.97
C PHE A 18 24.57 -4.38 -11.23
N LEU A 19 24.95 -3.43 -10.38
CA LEU A 19 24.41 -2.09 -10.48
C LEU A 19 24.79 -1.38 -11.78
N ASP A 20 26.02 -1.60 -12.23
CA ASP A 20 26.48 -0.93 -13.45
C ASP A 20 25.77 -1.43 -14.70
N GLU A 21 25.24 -2.63 -14.66
CA GLU A 21 24.56 -3.22 -15.81
C GLU A 21 23.18 -2.57 -16.02
N LEU A 22 22.58 -2.07 -14.95
CA LEU A 22 21.28 -1.36 -15.04
C LEU A 22 21.35 -0.09 -15.90
N LYS A 23 20.41 0.08 -16.83
CA LYS A 23 20.45 1.22 -17.77
C LYS A 23 19.13 1.97 -17.81
N ALA A 24 19.18 3.29 -17.64
CA ALA A 24 18.02 4.15 -17.83
C ALA A 24 17.31 3.92 -19.16
N GLU A 25 18.07 3.76 -20.25
N GLU A 25 18.13 3.73 -20.21
CA GLU A 25 17.42 3.61 -21.56
CA GLU A 25 17.69 3.52 -21.60
C GLU A 25 16.58 2.32 -21.65
C GLU A 25 16.74 2.30 -21.74
N ASN A 26 17.05 1.24 -21.00
CA ASN A 26 16.26 0.01 -21.00
C ASN A 26 14.98 0.18 -20.23
N ILE A 27 15.04 0.87 -19.10
CA ILE A 27 13.82 1.10 -18.30
C ILE A 27 12.81 1.87 -19.16
N LYS A 28 13.31 2.86 -19.90
CA LYS A 28 12.45 3.68 -20.75
C LYS A 28 11.78 2.84 -21.83
N LYS A 29 12.55 1.99 -22.49
CA LYS A 29 12.03 1.09 -23.52
C LYS A 29 10.96 0.17 -22.93
N PHE A 30 11.22 -0.36 -21.74
CA PHE A 30 10.25 -1.27 -21.12
C PHE A 30 8.98 -0.52 -20.72
N LEU A 31 9.13 0.68 -20.15
CA LEU A 31 7.95 1.44 -19.76
C LEU A 31 7.06 1.72 -20.99
N TYR A 32 7.67 2.16 -22.10
CA TYR A 32 6.94 2.35 -23.32
C TYR A 32 6.18 1.08 -23.72
N ASN A 33 6.88 -0.05 -23.69
CA ASN A 33 6.32 -1.31 -24.12
C ASN A 33 5.13 -1.77 -23.26
N PHE A 34 5.14 -1.40 -21.98
CA PHE A 34 4.11 -1.84 -21.04
C PHE A 34 2.90 -0.93 -20.95
N THR A 35 2.90 0.22 -21.67
CA THR A 35 1.89 1.22 -21.41
C THR A 35 1.12 1.69 -22.65
N GLN A 36 1.21 0.90 -23.73
N GLN A 36 1.21 0.95 -23.75
CA GLN A 36 0.53 1.28 -25.00
CA GLN A 36 0.50 1.37 -24.97
C GLN A 36 -0.95 0.94 -25.07
C GLN A 36 -0.99 1.04 -24.95
N ILE A 37 -1.35 -0.04 -24.25
CA ILE A 37 -2.75 -0.45 -24.15
C ILE A 37 -3.11 -0.70 -22.69
N PRO A 38 -4.42 -0.71 -22.35
CA PRO A 38 -4.74 -0.98 -20.93
C PRO A 38 -4.42 -2.41 -20.54
N HIS A 39 -4.08 -2.64 -19.26
CA HIS A 39 -3.82 -3.99 -18.77
C HIS A 39 -4.65 -4.26 -17.51
N LEU A 40 -5.97 -4.12 -17.65
CA LEU A 40 -6.90 -4.33 -16.53
C LEU A 40 -6.91 -5.80 -16.10
N ALA A 41 -6.87 -6.03 -14.79
CA ALA A 41 -6.87 -7.44 -14.29
C ALA A 41 -8.05 -8.21 -14.87
N GLY A 42 -7.79 -9.45 -15.24
CA GLY A 42 -8.82 -10.36 -15.75
C GLY A 42 -9.10 -10.21 -17.23
N THR A 43 -8.44 -9.27 -17.90
CA THR A 43 -8.66 -9.08 -19.35
C THR A 43 -7.64 -9.79 -20.21
N GLU A 44 -7.98 -10.00 -21.49
CA GLU A 44 -7.06 -10.74 -22.36
C GLU A 44 -5.70 -10.02 -22.54
N GLN A 45 -5.73 -8.69 -22.60
CA GLN A 45 -4.54 -7.87 -22.76
C GLN A 45 -3.57 -8.08 -21.60
N ASN A 46 -4.10 -8.25 -20.39
N ASN A 46 -4.15 -8.21 -20.40
CA ASN A 46 -3.20 -8.45 -19.25
CA ASN A 46 -3.37 -8.46 -19.21
C ASN A 46 -2.65 -9.91 -19.18
C ASN A 46 -2.67 -9.83 -19.31
N PHE A 47 -3.43 -10.87 -19.69
CA PHE A 47 -2.91 -12.24 -19.86
C PHE A 47 -1.81 -12.25 -20.92
N GLN A 48 -2.00 -11.55 -22.03
N GLN A 48 -2.04 -11.54 -22.03
CA GLN A 48 -0.93 -11.52 -23.04
CA GLN A 48 -1.03 -11.39 -23.08
C GLN A 48 0.34 -10.86 -22.51
C GLN A 48 0.29 -10.83 -22.56
N LEU A 49 0.20 -9.81 -21.71
CA LEU A 49 1.40 -9.20 -21.12
C LEU A 49 2.06 -10.19 -20.16
N ALA A 50 1.26 -10.91 -19.36
CA ALA A 50 1.85 -11.93 -18.52
C ALA A 50 2.69 -12.95 -19.32
N LYS A 51 2.16 -13.40 -20.44
CA LYS A 51 2.91 -14.36 -21.28
C LYS A 51 4.19 -13.77 -21.86
N GLN A 52 4.13 -12.50 -22.23
CA GLN A 52 5.30 -11.79 -22.74
C GLN A 52 6.40 -11.70 -21.67
N ILE A 53 6.03 -11.30 -20.45
CA ILE A 53 7.00 -11.19 -19.37
C ILE A 53 7.59 -12.55 -19.04
N GLN A 54 6.73 -13.56 -19.00
CA GLN A 54 7.24 -14.94 -18.77
C GLN A 54 8.31 -15.29 -19.81
N SER A 55 7.99 -15.05 -21.08
CA SER A 55 8.95 -15.33 -22.15
C SER A 55 10.27 -14.56 -22.02
N GLN A 56 10.17 -13.26 -21.74
CA GLN A 56 11.35 -12.43 -21.63
C GLN A 56 12.17 -12.78 -20.40
N TRP A 57 11.56 -13.03 -19.25
CA TRP A 57 12.33 -13.48 -18.08
C TRP A 57 13.12 -14.78 -18.34
N LYS A 58 12.55 -15.71 -19.11
CA LYS A 58 13.27 -16.93 -19.52
C LYS A 58 14.48 -16.55 -20.39
N GLU A 59 14.31 -15.71 -21.40
N GLU A 59 14.24 -15.70 -21.40
CA GLU A 59 15.44 -15.35 -22.27
CA GLU A 59 15.27 -15.17 -22.32
C GLU A 59 16.45 -14.44 -21.55
C GLU A 59 16.42 -14.56 -21.49
N PHE A 60 16.02 -13.77 -20.48
CA PHE A 60 16.95 -13.00 -19.64
C PHE A 60 17.86 -13.91 -18.82
N GLY A 61 17.45 -15.15 -18.58
CA GLY A 61 18.30 -16.15 -17.94
C GLY A 61 17.77 -16.80 -16.68
N LEU A 62 16.52 -16.53 -16.29
CA LEU A 62 16.05 -17.19 -15.05
C LEU A 62 15.97 -18.70 -15.20
N ASP A 63 16.13 -19.42 -14.09
CA ASP A 63 16.09 -20.88 -14.10
C ASP A 63 14.73 -21.49 -14.43
N SER A 64 13.67 -20.87 -13.92
CA SER A 64 12.33 -21.32 -14.18
C SER A 64 11.44 -20.06 -14.15
N VAL A 65 10.44 -19.99 -15.02
CA VAL A 65 9.48 -18.90 -14.99
C VAL A 65 8.11 -19.52 -15.27
N GLU A 66 7.22 -19.45 -14.29
CA GLU A 66 5.89 -20.06 -14.45
C GLU A 66 4.75 -19.06 -14.24
N LEU A 67 3.58 -19.34 -14.80
CA LEU A 67 2.40 -18.55 -14.43
C LEU A 67 1.65 -19.30 -13.32
N ALA A 68 1.22 -18.58 -12.27
CA ALA A 68 0.42 -19.16 -11.19
C ALA A 68 -0.92 -18.48 -11.38
N HIS A 69 -1.97 -19.25 -11.68
CA HIS A 69 -3.29 -18.63 -11.92
C HIS A 69 -4.27 -18.98 -10.79
N TYR A 70 -5.24 -18.10 -10.58
CA TYR A 70 -6.28 -18.22 -9.54
C TYR A 70 -7.56 -17.70 -10.13
N ASP A 71 -8.69 -18.13 -9.59
CA ASP A 71 -10.00 -17.62 -10.06
C ASP A 71 -10.63 -16.85 -8.91
N VAL A 72 -10.64 -15.52 -9.04
CA VAL A 72 -10.98 -14.62 -7.90
C VAL A 72 -12.12 -13.70 -8.27
N LEU A 73 -12.76 -13.15 -7.24
CA LEU A 73 -13.88 -12.22 -7.50
C LEU A 73 -13.33 -10.88 -7.96
N LEU A 74 -13.71 -10.46 -9.19
CA LEU A 74 -13.36 -9.10 -9.74
C LEU A 74 -14.70 -8.35 -9.96
N SER A 75 -14.61 -7.12 -10.42
CA SER A 75 -15.82 -6.28 -10.59
C SER A 75 -15.61 -5.41 -11.80
N TYR A 76 -16.66 -5.27 -12.64
CA TYR A 76 -16.54 -4.45 -13.85
C TYR A 76 -17.84 -3.72 -14.10
N PRO A 77 -17.76 -2.55 -14.74
CA PRO A 77 -19.02 -1.93 -15.18
C PRO A 77 -19.72 -2.74 -16.24
N ASN A 78 -21.03 -2.52 -16.40
CA ASN A 78 -21.76 -3.17 -17.50
C ASN A 78 -21.60 -2.30 -18.76
N LYS A 79 -20.96 -2.84 -19.80
CA LYS A 79 -20.68 -2.10 -21.05
C LYS A 79 -21.96 -1.55 -21.74
N THR A 80 -23.09 -2.22 -21.53
CA THR A 80 -24.34 -1.74 -22.17
C THR A 80 -25.38 -1.04 -21.24
N HIS A 81 -24.98 -0.73 -20.01
CA HIS A 81 -25.84 -0.10 -19.02
C HIS A 81 -24.93 0.75 -18.10
N PRO A 82 -24.52 1.94 -18.57
CA PRO A 82 -23.43 2.68 -17.90
C PRO A 82 -23.83 3.26 -16.54
N ASN A 83 -22.82 3.39 -15.67
CA ASN A 83 -23.00 4.04 -14.37
C ASN A 83 -22.99 5.56 -14.52
N TYR A 84 -23.85 6.26 -13.77
CA TYR A 84 -23.82 7.73 -13.77
C TYR A 84 -24.62 8.21 -12.57
N ILE A 85 -24.49 9.51 -12.26
CA ILE A 85 -25.23 10.11 -11.17
C ILE A 85 -26.07 11.24 -11.79
N SER A 86 -27.26 11.44 -11.27
CA SER A 86 -28.11 12.55 -11.74
C SER A 86 -28.52 13.48 -10.63
N ILE A 87 -28.88 14.72 -11.01
CA ILE A 87 -29.78 15.53 -10.18
C ILE A 87 -31.12 15.40 -10.87
N ILE A 88 -32.13 15.02 -10.11
N ILE A 88 -32.16 15.14 -10.08
CA ILE A 88 -33.46 14.90 -10.64
CA ILE A 88 -33.48 14.76 -10.59
C ILE A 88 -34.34 15.95 -10.00
C ILE A 88 -34.56 15.62 -9.92
N ASN A 89 -35.38 16.33 -10.71
CA ASN A 89 -36.40 17.23 -10.15
C ASN A 89 -37.61 16.46 -9.61
N GLU A 90 -38.60 17.20 -9.10
CA GLU A 90 -39.74 16.58 -8.42
C GLU A 90 -40.56 15.70 -9.36
N ASP A 91 -40.59 16.07 -10.64
CA ASP A 91 -41.26 15.31 -11.71
C ASP A 91 -40.53 13.99 -12.02
N GLY A 92 -39.29 13.88 -11.57
CA GLY A 92 -38.47 12.73 -11.87
C GLY A 92 -37.69 12.89 -13.18
N ASN A 93 -37.54 14.12 -13.66
CA ASN A 93 -36.67 14.39 -14.81
C ASN A 93 -35.22 14.56 -14.36
N GLU A 94 -34.30 13.92 -15.09
CA GLU A 94 -32.87 14.03 -14.75
C GLU A 94 -32.29 15.26 -15.44
N ILE A 95 -32.04 16.30 -14.65
CA ILE A 95 -31.67 17.62 -15.20
C ILE A 95 -30.18 17.87 -15.36
N PHE A 96 -29.37 17.00 -14.76
CA PHE A 96 -27.95 17.02 -14.91
C PHE A 96 -27.48 15.58 -14.77
N ASN A 97 -26.57 15.17 -15.65
CA ASN A 97 -25.96 13.83 -15.55
C ASN A 97 -24.46 13.93 -15.51
N THR A 98 -23.82 13.11 -14.67
CA THR A 98 -22.38 13.07 -14.70
C THR A 98 -21.88 12.34 -15.97
N SER A 99 -20.58 12.50 -16.27
CA SER A 99 -19.97 11.99 -17.51
C SER A 99 -19.99 10.47 -17.58
N LEU A 100 -20.06 9.91 -18.78
CA LEU A 100 -19.98 8.43 -18.90
C LEU A 100 -18.56 7.95 -19.15
N PHE A 101 -17.62 8.86 -19.39
CA PHE A 101 -16.20 8.51 -19.57
C PHE A 101 -15.32 9.75 -19.48
N GLU A 102 -14.01 9.56 -19.24
CA GLU A 102 -13.05 10.67 -19.25
C GLU A 102 -12.68 10.99 -20.70
N PRO A 103 -12.66 12.29 -21.08
CA PRO A 103 -12.17 12.62 -22.44
C PRO A 103 -10.77 12.01 -22.69
N PRO A 104 -10.62 11.15 -23.72
CA PRO A 104 -9.30 10.51 -23.78
C PRO A 104 -8.18 11.48 -24.18
N PRO A 105 -6.93 11.19 -23.75
CA PRO A 105 -5.77 12.04 -24.06
C PRO A 105 -5.41 12.01 -25.57
N PRO A 106 -4.65 13.02 -26.03
CA PRO A 106 -4.32 13.16 -27.44
C PRO A 106 -3.66 11.90 -28.03
N GLY A 107 -4.18 11.41 -29.15
CA GLY A 107 -3.63 10.24 -29.79
C GLY A 107 -4.17 8.91 -29.29
N TYR A 108 -4.97 8.94 -28.22
CA TYR A 108 -5.61 7.76 -27.59
C TYR A 108 -7.12 7.80 -27.69
N GLU A 109 -7.65 8.79 -28.40
CA GLU A 109 -9.09 8.91 -28.55
C GLU A 109 -9.73 7.69 -29.29
N ASN A 110 -8.89 6.85 -29.92
CA ASN A 110 -9.38 5.63 -30.58
C ASN A 110 -8.89 4.31 -29.94
N VAL A 111 -8.30 4.40 -28.76
CA VAL A 111 -7.94 3.21 -28.02
C VAL A 111 -9.21 2.54 -27.43
N SER A 112 -9.31 1.24 -27.64
CA SER A 112 -10.44 0.48 -27.14
C SER A 112 -10.17 -0.04 -25.72
N ASP A 113 -11.26 -0.45 -25.06
CA ASP A 113 -11.18 -1.15 -23.79
C ASP A 113 -10.61 -0.27 -22.67
N ILE A 114 -10.85 1.03 -22.73
CA ILE A 114 -10.56 1.86 -21.53
C ILE A 114 -11.77 1.72 -20.60
N VAL A 115 -11.57 1.14 -19.41
CA VAL A 115 -12.69 0.98 -18.49
C VAL A 115 -13.16 2.35 -18.02
N PRO A 116 -14.48 2.64 -18.10
CA PRO A 116 -14.88 3.98 -17.64
C PRO A 116 -14.72 4.07 -16.12
N PRO A 117 -14.65 5.29 -15.58
CA PRO A 117 -14.49 5.41 -14.11
C PRO A 117 -15.62 4.69 -13.34
N PHE A 118 -15.22 3.92 -12.33
CA PHE A 118 -16.17 3.26 -11.46
C PHE A 118 -15.44 2.88 -10.17
N SER A 119 -16.23 2.55 -9.14
CA SER A 119 -15.64 2.08 -7.89
C SER A 119 -15.79 0.57 -7.86
N ALA A 120 -14.68 -0.15 -7.95
CA ALA A 120 -14.75 -1.62 -8.01
C ALA A 120 -15.33 -2.18 -6.73
N PHE A 121 -16.25 -3.12 -6.94
CA PHE A 121 -17.02 -3.90 -5.93
C PHE A 121 -18.20 -3.15 -5.39
N SER A 122 -18.52 -1.98 -5.94
CA SER A 122 -19.80 -1.34 -5.57
C SER A 122 -20.96 -2.34 -5.87
N PRO A 123 -21.94 -2.46 -4.95
CA PRO A 123 -23.15 -3.18 -5.34
C PRO A 123 -23.96 -2.35 -6.33
N GLN A 124 -24.95 -2.99 -6.93
CA GLN A 124 -25.90 -2.32 -7.82
C GLN A 124 -26.94 -1.57 -7.01
N GLY A 125 -27.45 -0.49 -7.59
CA GLY A 125 -28.58 0.19 -6.97
C GLY A 125 -28.89 1.50 -7.66
N MET A 126 -30.03 2.08 -7.32
CA MET A 126 -30.42 3.37 -7.85
C MET A 126 -30.98 4.24 -6.73
N PRO A 127 -30.22 4.43 -5.64
CA PRO A 127 -30.70 5.21 -4.50
C PRO A 127 -30.85 6.68 -4.86
N GLU A 128 -31.89 7.31 -4.32
CA GLU A 128 -32.22 8.69 -4.61
C GLU A 128 -32.36 9.40 -3.27
N GLY A 129 -31.72 10.56 -3.11
CA GLY A 129 -31.82 11.22 -1.82
C GLY A 129 -31.18 12.57 -1.70
N ASP A 130 -31.11 13.07 -0.48
CA ASP A 130 -30.47 14.35 -0.20
C ASP A 130 -29.00 14.13 0.08
N LEU A 131 -28.17 15.06 -0.38
CA LEU A 131 -26.75 14.99 -0.20
C LEU A 131 -26.29 15.53 1.15
N VAL A 132 -25.28 14.88 1.76
CA VAL A 132 -24.54 15.46 2.87
C VAL A 132 -23.06 15.47 2.48
N TYR A 133 -22.38 16.59 2.67
CA TYR A 133 -20.96 16.66 2.35
C TYR A 133 -20.14 16.36 3.59
N VAL A 134 -19.24 15.36 3.49
CA VAL A 134 -18.56 14.82 4.68
C VAL A 134 -17.02 15.04 4.68
N ASN A 135 -16.57 16.04 3.94
CA ASN A 135 -15.15 16.34 3.83
C ASN A 135 -14.42 15.11 3.25
N TYR A 136 -13.38 14.61 3.93
CA TYR A 136 -12.65 13.42 3.47
C TYR A 136 -13.25 12.11 3.94
N ALA A 137 -14.42 12.17 4.60
CA ALA A 137 -15.13 11.00 5.13
C ALA A 137 -14.23 10.21 6.11
N ARG A 138 -13.34 10.92 6.82
CA ARG A 138 -12.48 10.27 7.82
C ARG A 138 -13.28 10.01 9.10
N THR A 139 -12.75 9.14 9.97
CA THR A 139 -13.40 8.94 11.27
C THR A 139 -13.69 10.26 11.99
N GLU A 140 -12.69 11.17 12.02
CA GLU A 140 -12.86 12.44 12.72
C GLU A 140 -13.84 13.39 12.00
N ASP A 141 -14.04 13.20 10.69
CA ASP A 141 -15.01 14.02 9.94
C ASP A 141 -16.42 13.60 10.32
N PHE A 142 -16.64 12.27 10.41
CA PHE A 142 -17.92 11.77 10.89
C PHE A 142 -18.19 12.09 12.36
N PHE A 143 -17.15 12.07 13.21
CA PHE A 143 -17.32 12.50 14.61
C PHE A 143 -17.83 13.96 14.65
N LYS A 144 -17.21 14.82 13.85
CA LYS A 144 -17.55 16.27 13.82
C LYS A 144 -19.00 16.50 13.38
N LEU A 145 -19.40 15.81 12.31
CA LEU A 145 -20.77 15.86 11.82
C LEU A 145 -21.78 15.42 12.85
N GLU A 146 -21.54 14.26 13.45
N GLU A 146 -21.63 14.20 13.39
CA GLU A 146 -22.55 13.57 14.23
CA GLU A 146 -22.62 13.60 14.29
C GLU A 146 -22.58 13.98 15.70
C GLU A 146 -22.58 14.24 15.67
N ARG A 147 -21.39 14.24 16.28
CA ARG A 147 -21.25 14.63 17.68
C ARG A 147 -21.29 16.14 17.90
N ASP A 148 -20.64 16.90 17.01
CA ASP A 148 -20.55 18.35 17.19
C ASP A 148 -21.62 19.12 16.42
N MET A 149 -21.88 18.72 15.18
CA MET A 149 -22.85 19.47 14.36
C MET A 149 -24.25 18.88 14.40
N LYS A 150 -24.38 17.69 14.97
CA LYS A 150 -25.66 16.98 15.13
C LYS A 150 -26.36 16.71 13.80
N ILE A 151 -25.57 16.47 12.74
CA ILE A 151 -26.11 16.13 11.43
C ILE A 151 -26.20 14.61 11.30
N ASN A 152 -27.35 14.12 10.87
CA ASN A 152 -27.61 12.69 10.81
C ASN A 152 -27.47 12.24 9.34
N CYS A 153 -26.51 11.35 9.08
CA CYS A 153 -26.30 10.85 7.73
C CYS A 153 -27.19 9.71 7.32
N SER A 154 -28.04 9.24 8.24
CA SER A 154 -28.87 8.09 7.95
C SER A 154 -29.83 8.31 6.78
N GLY A 155 -29.77 7.39 5.81
CA GLY A 155 -30.57 7.49 4.58
C GLY A 155 -30.23 8.61 3.63
N LYS A 156 -29.07 9.26 3.80
CA LYS A 156 -28.62 10.34 2.91
C LYS A 156 -27.59 9.76 1.93
N ILE A 157 -27.35 10.48 0.83
CA ILE A 157 -26.22 10.16 -0.06
C ILE A 157 -25.09 11.04 0.41
N VAL A 158 -23.95 10.45 0.70
CA VAL A 158 -22.82 11.23 1.17
C VAL A 158 -21.91 11.57 -0.02
N ILE A 159 -21.41 12.79 -0.06
CA ILE A 159 -20.39 13.15 -1.03
C ILE A 159 -19.12 13.51 -0.27
N ALA A 160 -18.03 12.83 -0.65
CA ALA A 160 -16.76 13.02 0.04
C ALA A 160 -15.65 13.29 -0.96
N ARG A 161 -14.69 14.14 -0.59
CA ARG A 161 -13.52 14.30 -1.44
C ARG A 161 -12.47 13.21 -1.18
N TYR A 162 -11.84 12.77 -2.26
CA TYR A 162 -10.76 11.78 -2.17
C TYR A 162 -9.63 12.47 -1.44
N GLY A 163 -8.77 11.69 -0.79
CA GLY A 163 -7.56 12.25 -0.21
C GLY A 163 -7.42 11.76 1.21
N LYS A 164 -6.20 11.85 1.73
CA LYS A 164 -5.88 11.65 3.17
C LYS A 164 -5.92 10.21 3.64
N VAL A 165 -6.96 9.46 3.26
CA VAL A 165 -7.08 8.04 3.68
C VAL A 165 -7.54 7.18 2.51
N PHE A 166 -7.28 5.89 2.63
CA PHE A 166 -7.75 4.91 1.63
C PHE A 166 -9.25 5.05 1.39
N ARG A 167 -9.66 4.99 0.12
CA ARG A 167 -11.10 5.22 -0.19
C ARG A 167 -12.03 4.13 0.40
N GLY A 168 -11.52 2.91 0.62
CA GLY A 168 -12.33 1.88 1.29
C GLY A 168 -12.72 2.26 2.72
N ASN A 169 -11.79 2.91 3.44
CA ASN A 169 -12.14 3.43 4.77
C ASN A 169 -13.26 4.49 4.74
N LYS A 170 -13.24 5.35 3.72
CA LYS A 170 -14.31 6.37 3.59
C LYS A 170 -15.66 5.67 3.48
N VAL A 171 -15.70 4.64 2.64
CA VAL A 171 -16.94 3.94 2.37
C VAL A 171 -17.42 3.20 3.63
N LYS A 172 -16.50 2.53 4.31
N LYS A 172 -16.50 2.53 4.34
CA LYS A 172 -16.78 1.87 5.60
CA LYS A 172 -16.86 1.85 5.59
C LYS A 172 -17.43 2.88 6.55
C LYS A 172 -17.42 2.86 6.60
N ASN A 173 -16.80 4.04 6.67
CA ASN A 173 -17.27 5.10 7.59
C ASN A 173 -18.66 5.60 7.20
N ALA A 174 -18.89 5.79 5.90
CA ALA A 174 -20.22 6.27 5.40
C ALA A 174 -21.28 5.21 5.67
N GLN A 175 -20.92 3.95 5.45
CA GLN A 175 -21.85 2.83 5.71
C GLN A 175 -22.27 2.79 7.19
N LEU A 176 -21.29 2.90 8.10
CA LEU A 176 -21.60 2.86 9.53
C LEU A 176 -22.33 4.10 10.01
N ALA A 177 -22.21 5.20 9.27
CA ALA A 177 -23.02 6.40 9.55
C ALA A 177 -24.45 6.27 9.04
N GLY A 178 -24.77 5.22 8.29
CA GLY A 178 -26.16 5.05 7.80
C GLY A 178 -26.43 5.56 6.39
N ALA A 179 -25.38 5.98 5.67
CA ALA A 179 -25.56 6.52 4.31
C ALA A 179 -26.18 5.48 3.38
N LYS A 180 -26.92 5.93 2.36
CA LYS A 180 -27.44 4.96 1.42
C LYS A 180 -26.66 4.96 0.09
N GLY A 181 -25.64 5.80 0.01
CA GLY A 181 -24.77 5.82 -1.19
C GLY A 181 -23.61 6.75 -0.95
N VAL A 182 -22.53 6.63 -1.73
CA VAL A 182 -21.35 7.48 -1.57
C VAL A 182 -20.90 7.95 -2.95
N ILE A 183 -20.68 9.24 -3.07
CA ILE A 183 -20.08 9.85 -4.26
C ILE A 183 -18.70 10.35 -3.84
N LEU A 184 -17.67 9.85 -4.54
CA LEU A 184 -16.28 10.29 -4.27
C LEU A 184 -15.85 11.23 -5.40
N TYR A 185 -15.18 12.32 -5.07
CA TYR A 185 -14.70 13.21 -6.13
C TYR A 185 -13.31 13.74 -5.84
N SER A 186 -12.61 14.18 -6.89
CA SER A 186 -11.27 14.77 -6.74
C SER A 186 -11.36 16.30 -6.66
N ASP A 187 -11.04 16.85 -5.49
CA ASP A 187 -11.08 18.30 -5.35
C ASP A 187 -9.75 18.86 -5.84
N PRO A 188 -9.78 19.99 -6.59
CA PRO A 188 -8.52 20.62 -6.97
C PRO A 188 -7.64 20.98 -5.77
N ALA A 189 -8.20 21.19 -4.58
CA ALA A 189 -7.32 21.49 -3.41
C ALA A 189 -6.28 20.35 -3.18
N ASP A 190 -6.68 19.14 -3.51
CA ASP A 190 -5.87 17.95 -3.27
C ASP A 190 -5.23 17.41 -4.56
N TYR A 191 -5.81 17.70 -5.72
CA TYR A 191 -5.30 17.10 -6.98
C TYR A 191 -4.93 18.13 -8.07
N PHE A 192 -4.77 19.40 -7.69
CA PHE A 192 -4.37 20.40 -8.68
C PHE A 192 -3.33 21.30 -8.01
N ALA A 193 -2.06 21.05 -8.29
CA ALA A 193 -0.97 21.85 -7.70
C ALA A 193 -0.98 23.25 -8.31
N PRO A 194 -0.91 24.28 -7.45
CA PRO A 194 -0.93 25.65 -7.98
C PRO A 194 0.25 25.92 -8.95
N GLY A 195 -0.05 26.55 -10.09
CA GLY A 195 0.96 26.96 -11.07
C GLY A 195 1.39 25.95 -12.13
N VAL A 196 0.81 24.74 -12.12
CA VAL A 196 1.11 23.73 -13.11
C VAL A 196 -0.14 23.52 -13.97
N LYS A 197 0.08 23.18 -15.23
CA LYS A 197 -0.96 23.04 -16.22
C LYS A 197 -1.60 21.67 -16.09
N SER A 198 -2.87 21.54 -16.44
CA SER A 198 -3.39 20.19 -16.49
C SER A 198 -3.01 19.41 -17.76
N TYR A 199 -3.14 18.08 -17.67
CA TYR A 199 -2.80 17.17 -18.74
C TYR A 199 -3.63 17.52 -19.97
N PRO A 200 -3.03 17.52 -21.19
CA PRO A 200 -1.69 17.09 -21.59
C PRO A 200 -0.55 18.10 -21.51
N ASP A 201 -0.81 19.28 -20.97
CA ASP A 201 0.21 20.34 -20.96
C ASP A 201 1.03 20.43 -19.67
N GLY A 202 0.69 19.56 -18.70
CA GLY A 202 1.38 19.52 -17.42
C GLY A 202 0.83 18.30 -16.69
N TRP A 203 1.20 18.16 -15.42
CA TRP A 203 0.84 16.92 -14.69
C TRP A 203 -0.36 17.02 -13.77
N ASN A 204 -1.12 18.11 -13.87
CA ASN A 204 -2.34 18.31 -13.06
C ASN A 204 -3.57 17.59 -13.62
N LEU A 205 -4.53 17.35 -12.75
CA LEU A 205 -5.77 16.67 -13.10
C LEU A 205 -6.74 17.66 -13.74
N PRO A 206 -7.17 17.37 -14.97
CA PRO A 206 -8.26 18.16 -15.55
C PRO A 206 -9.62 17.89 -14.92
N GLY A 207 -10.56 18.80 -15.19
CA GLY A 207 -11.85 18.71 -14.51
C GLY A 207 -12.69 17.51 -14.91
N GLY A 208 -12.36 16.89 -16.04
CA GLY A 208 -13.04 15.65 -16.49
C GLY A 208 -12.33 14.37 -16.06
N GLY A 209 -11.18 14.52 -15.43
CA GLY A 209 -10.44 13.33 -14.93
C GLY A 209 -11.09 12.73 -13.71
N VAL A 210 -10.92 11.42 -13.54
CA VAL A 210 -11.59 10.68 -12.47
C VAL A 210 -10.64 9.59 -11.98
N GLN A 211 -10.60 9.45 -10.67
CA GLN A 211 -9.77 8.41 -10.03
C GLN A 211 -10.61 7.14 -9.86
N ARG A 212 -10.23 6.08 -10.59
CA ARG A 212 -10.75 4.73 -10.36
C ARG A 212 -10.20 4.14 -9.04
N GLY A 213 -10.81 3.06 -8.56
CA GLY A 213 -10.16 2.27 -7.45
C GLY A 213 -11.15 1.43 -6.68
N ASN A 214 -10.65 0.36 -6.06
CA ASN A 214 -11.56 -0.50 -5.31
C ASN A 214 -11.89 0.11 -3.95
N ILE A 215 -13.02 -0.30 -3.41
CA ILE A 215 -13.55 0.27 -2.14
C ILE A 215 -13.79 -0.86 -1.15
N LEU A 216 -13.01 -1.95 -1.28
CA LEU A 216 -13.15 -3.10 -0.33
C LEU A 216 -12.54 -2.80 1.02
N ASN A 217 -13.00 -3.56 2.02
CA ASN A 217 -12.35 -3.57 3.34
C ASN A 217 -12.00 -5.01 3.70
N LEU A 218 -10.95 -5.51 3.07
CA LEU A 218 -10.61 -6.92 3.19
C LEU A 218 -9.81 -7.23 4.42
N ASN A 219 -9.17 -6.22 5.01
CA ASN A 219 -8.25 -6.49 6.19
C ASN A 219 -7.28 -7.67 5.98
N GLY A 220 -6.72 -7.74 4.78
CA GLY A 220 -5.69 -8.73 4.48
C GLY A 220 -6.20 -10.09 4.02
N ALA A 221 -7.51 -10.20 3.74
CA ALA A 221 -8.09 -11.53 3.44
C ALA A 221 -7.75 -12.07 2.03
N GLY A 222 -7.48 -11.17 1.11
CA GLY A 222 -7.27 -11.56 -0.30
C GLY A 222 -8.62 -11.74 -1.01
N ASP A 223 -8.73 -12.70 -1.92
CA ASP A 223 -10.02 -12.88 -2.64
C ASP A 223 -11.18 -12.96 -1.66
N PRO A 224 -12.22 -12.14 -1.88
CA PRO A 224 -13.36 -12.10 -0.96
C PRO A 224 -14.05 -13.45 -0.72
N LEU A 225 -13.94 -14.37 -1.68
CA LEU A 225 -14.66 -15.67 -1.58
C LEU A 225 -13.89 -16.85 -0.93
N THR A 226 -12.57 -16.67 -0.74
CA THR A 226 -11.72 -17.79 -0.28
C THR A 226 -10.73 -17.41 0.85
N PRO A 227 -11.20 -16.70 1.90
CA PRO A 227 -10.21 -16.25 2.92
C PRO A 227 -9.51 -17.45 3.59
N GLY A 228 -8.18 -17.38 3.61
CA GLY A 228 -7.36 -18.43 4.26
C GLY A 228 -6.71 -19.41 3.30
N TYR A 229 -7.29 -19.54 2.09
CA TYR A 229 -6.91 -20.66 1.20
C TYR A 229 -6.83 -20.16 -0.25
N PRO A 230 -5.95 -20.74 -1.07
CA PRO A 230 -5.82 -20.19 -2.43
C PRO A 230 -7.04 -20.53 -3.31
N ALA A 231 -7.41 -19.58 -4.17
CA ALA A 231 -8.57 -19.72 -5.05
C ALA A 231 -8.21 -20.57 -6.28
N ASN A 232 -7.85 -21.81 -6.00
CA ASN A 232 -7.43 -22.77 -7.05
C ASN A 232 -8.65 -23.44 -7.70
N GLU A 233 -8.41 -24.48 -8.51
N GLU A 233 -8.37 -24.48 -8.50
CA GLU A 233 -9.48 -25.06 -9.34
CA GLU A 233 -9.38 -25.14 -9.31
C GLU A 233 -10.55 -25.86 -8.58
C GLU A 233 -10.56 -25.60 -8.44
N TYR A 234 -10.24 -26.26 -7.34
CA TYR A 234 -11.23 -27.00 -6.54
C TYR A 234 -11.68 -26.25 -5.30
N ALA A 235 -11.39 -24.95 -5.22
CA ALA A 235 -11.65 -24.18 -4.00
C ALA A 235 -13.15 -24.12 -3.73
N TYR A 236 -13.51 -24.16 -2.47
CA TYR A 236 -14.90 -23.96 -2.05
C TYR A 236 -15.01 -22.48 -1.81
N ARG A 237 -15.99 -21.85 -2.45
CA ARG A 237 -16.18 -20.41 -2.34
C ARG A 237 -17.34 -20.06 -1.47
N ARG A 238 -17.15 -19.02 -0.68
CA ARG A 238 -18.29 -18.45 0.05
C ARG A 238 -19.31 -17.95 -0.93
N GLY A 239 -20.58 -17.94 -0.49
CA GLY A 239 -21.60 -17.25 -1.25
C GLY A 239 -21.37 -15.76 -1.12
N ILE A 240 -21.86 -14.99 -2.09
CA ILE A 240 -21.67 -13.53 -2.08
C ILE A 240 -22.09 -12.85 -0.77
N ALA A 241 -23.19 -13.29 -0.16
CA ALA A 241 -23.65 -12.68 1.10
C ALA A 241 -22.70 -12.88 2.27
N GLU A 242 -21.80 -13.85 2.16
CA GLU A 242 -20.81 -14.12 3.22
C GLU A 242 -19.37 -13.69 2.81
N ALA A 243 -19.26 -13.07 1.65
CA ALA A 243 -17.94 -12.66 1.11
C ALA A 243 -17.29 -11.64 2.05
N VAL A 244 -15.94 -11.61 2.05
CA VAL A 244 -15.25 -10.66 2.89
C VAL A 244 -15.16 -9.30 2.22
N GLY A 245 -15.52 -8.29 2.98
CA GLY A 245 -15.12 -6.91 2.62
C GLY A 245 -15.94 -6.09 1.66
N LEU A 246 -17.07 -6.63 1.19
CA LEU A 246 -17.82 -5.91 0.13
C LEU A 246 -18.67 -4.83 0.75
N PRO A 247 -18.78 -3.68 0.08
CA PRO A 247 -19.60 -2.61 0.62
C PRO A 247 -21.07 -2.90 0.42
N SER A 248 -21.90 -2.34 1.27
CA SER A 248 -23.34 -2.62 1.22
C SER A 248 -24.16 -1.51 0.55
N ILE A 249 -23.48 -0.43 0.17
CA ILE A 249 -24.15 0.73 -0.49
C ILE A 249 -23.40 1.09 -1.77
N PRO A 250 -24.12 1.60 -2.78
CA PRO A 250 -23.47 1.96 -4.04
C PRO A 250 -22.53 3.14 -3.92
N VAL A 251 -21.47 3.12 -4.75
CA VAL A 251 -20.41 4.11 -4.67
C VAL A 251 -19.96 4.42 -6.09
N HIS A 252 -19.63 5.68 -6.37
CA HIS A 252 -19.17 6.07 -7.71
C HIS A 252 -18.26 7.28 -7.65
N PRO A 253 -17.17 7.31 -8.46
CA PRO A 253 -16.28 8.46 -8.42
C PRO A 253 -16.55 9.40 -9.62
N ILE A 254 -16.31 10.69 -9.38
CA ILE A 254 -16.52 11.71 -10.41
C ILE A 254 -15.38 12.75 -10.36
N GLY A 255 -15.26 13.58 -11.41
CA GLY A 255 -14.26 14.62 -11.48
C GLY A 255 -14.83 15.94 -10.96
N TYR A 256 -14.00 16.97 -10.93
CA TYR A 256 -14.40 18.17 -10.23
C TYR A 256 -15.33 19.07 -11.05
N TYR A 257 -15.35 18.93 -12.37
CA TYR A 257 -16.42 19.64 -13.11
C TYR A 257 -17.79 19.13 -12.72
N ASP A 258 -17.94 17.80 -12.61
CA ASP A 258 -19.22 17.22 -12.17
C ASP A 258 -19.50 17.47 -10.70
N ALA A 259 -18.45 17.39 -9.87
CA ALA A 259 -18.60 17.68 -8.43
C ALA A 259 -19.15 19.09 -8.20
N GLN A 260 -18.64 20.05 -8.95
CA GLN A 260 -19.09 21.43 -8.76
C GLN A 260 -20.62 21.54 -9.00
N LYS A 261 -21.13 20.82 -9.98
CA LYS A 261 -22.56 20.84 -10.27
C LYS A 261 -23.39 20.21 -9.13
N LEU A 262 -22.82 19.22 -8.44
CA LEU A 262 -23.51 18.62 -7.28
C LEU A 262 -23.37 19.47 -6.02
N LEU A 263 -22.24 20.13 -5.83
CA LEU A 263 -21.97 20.87 -4.60
C LEU A 263 -22.57 22.28 -4.61
N GLU A 264 -22.65 22.87 -5.80
CA GLU A 264 -22.99 24.31 -5.88
C GLU A 264 -24.36 24.63 -5.28
N LYS A 265 -25.27 23.66 -5.27
CA LYS A 265 -26.62 23.91 -4.77
C LYS A 265 -26.78 23.57 -3.29
N MET A 266 -25.72 23.04 -2.66
CA MET A 266 -25.85 22.59 -1.26
C MET A 266 -26.25 23.66 -0.23
N GLY A 267 -27.18 23.28 0.64
CA GLY A 267 -27.67 24.17 1.70
C GLY A 267 -27.42 23.60 3.07
N GLY A 268 -28.37 23.80 4.00
CA GLY A 268 -28.16 23.33 5.37
C GLY A 268 -27.03 24.11 6.02
N SER A 269 -26.24 23.43 6.85
CA SER A 269 -25.23 24.08 7.68
C SER A 269 -23.98 24.51 6.92
N ALA A 270 -23.36 25.61 7.34
CA ALA A 270 -22.05 26.01 6.81
C ALA A 270 -20.97 24.94 7.18
N PRO A 271 -19.85 24.90 6.42
CA PRO A 271 -18.74 24.03 6.84
C PRO A 271 -18.29 24.48 8.23
N PRO A 272 -17.89 23.53 9.09
CA PRO A 272 -17.55 23.94 10.46
C PRO A 272 -16.29 24.80 10.57
N ASP A 273 -15.39 24.67 9.60
CA ASP A 273 -14.16 25.47 9.58
C ASP A 273 -13.46 25.36 8.21
N SER A 274 -12.36 26.10 8.01
CA SER A 274 -11.69 26.14 6.70
C SER A 274 -11.07 24.80 6.22
N SER A 275 -10.76 23.89 7.14
CA SER A 275 -10.21 22.55 6.78
C SER A 275 -11.22 21.68 6.03
N TRP A 276 -12.48 22.12 6.00
CA TRP A 276 -13.57 21.44 5.28
C TRP A 276 -13.80 22.03 3.88
N ARG A 277 -13.19 23.19 3.60
N ARG A 277 -13.20 23.19 3.62
CA ARG A 277 -13.36 23.88 2.32
CA ARG A 277 -13.31 23.84 2.33
C ARG A 277 -12.24 23.55 1.34
C ARG A 277 -12.21 23.39 1.38
N GLY A 278 -12.60 22.99 0.18
CA GLY A 278 -11.64 22.74 -0.92
C GLY A 278 -11.47 24.00 -1.78
N SER A 279 -11.10 23.83 -3.05
CA SER A 279 -10.74 24.96 -3.93
C SER A 279 -11.79 25.33 -4.97
N LEU A 280 -12.93 24.64 -4.99
CA LEU A 280 -13.96 25.00 -5.95
C LEU A 280 -14.70 26.25 -5.45
N LYS A 281 -15.40 26.88 -6.37
CA LYS A 281 -16.15 28.09 -6.05
C LYS A 281 -17.56 27.69 -5.64
N VAL A 282 -17.63 27.07 -4.46
CA VAL A 282 -18.87 26.63 -3.85
C VAL A 282 -18.74 26.89 -2.35
N PRO A 283 -19.87 26.93 -1.60
CA PRO A 283 -19.78 27.24 -0.16
C PRO A 283 -19.21 26.09 0.70
N TYR A 284 -19.29 24.87 0.18
CA TYR A 284 -18.95 23.64 0.94
C TYR A 284 -19.88 23.44 2.13
N ASN A 285 -21.14 23.82 1.94
CA ASN A 285 -22.18 23.57 2.94
C ASN A 285 -22.30 22.07 3.13
N VAL A 286 -22.59 21.67 4.36
N VAL A 286 -22.57 21.65 4.36
CA VAL A 286 -22.60 20.25 4.69
CA VAL A 286 -22.59 20.22 4.63
C VAL A 286 -23.93 19.62 4.31
C VAL A 286 -23.97 19.61 4.45
N GLY A 287 -24.98 20.44 4.18
CA GLY A 287 -26.32 19.91 3.91
C GLY A 287 -27.05 19.62 5.22
N PRO A 288 -27.97 18.64 5.22
CA PRO A 288 -28.42 17.79 4.12
C PRO A 288 -29.24 18.58 3.09
N GLY A 289 -29.14 18.16 1.83
CA GLY A 289 -30.00 18.72 0.78
C GLY A 289 -29.54 20.06 0.24
N PHE A 290 -30.35 20.61 -0.68
CA PHE A 290 -30.00 21.79 -1.45
C PHE A 290 -30.69 23.05 -0.86
N THR A 291 -30.21 24.25 -1.23
CA THR A 291 -30.81 25.51 -0.72
C THR A 291 -32.23 25.71 -1.20
N GLY A 292 -32.96 26.61 -0.51
CA GLY A 292 -34.38 26.85 -0.72
C GLY A 292 -35.00 26.62 -2.10
N ASN A 293 -34.48 27.29 -3.13
CA ASN A 293 -35.02 27.17 -4.49
C ASN A 293 -34.99 25.76 -5.08
N PHE A 294 -34.01 24.97 -4.65
CA PHE A 294 -33.80 23.64 -5.22
C PHE A 294 -34.11 22.54 -4.22
N SER A 295 -34.83 22.87 -3.15
CA SER A 295 -35.02 21.96 -2.01
C SER A 295 -35.74 20.68 -2.40
N THR A 296 -36.45 20.70 -3.51
CA THR A 296 -37.23 19.53 -3.96
C THR A 296 -36.49 18.62 -4.95
N GLN A 297 -35.31 19.05 -5.39
CA GLN A 297 -34.48 18.25 -6.26
C GLN A 297 -33.74 17.26 -5.36
N LYS A 298 -33.37 16.13 -5.94
CA LYS A 298 -32.64 15.07 -5.24
C LYS A 298 -31.47 14.63 -6.09
N VAL A 299 -30.57 13.85 -5.49
CA VAL A 299 -29.51 13.21 -6.25
C VAL A 299 -29.85 11.74 -6.40
N LYS A 300 -29.62 11.19 -7.59
CA LYS A 300 -29.91 9.81 -7.87
C LYS A 300 -28.67 9.12 -8.46
N MET A 301 -28.26 8.00 -7.87
CA MET A 301 -27.14 7.22 -8.42
C MET A 301 -27.71 6.10 -9.29
N HIS A 302 -26.97 5.72 -10.34
CA HIS A 302 -27.35 4.56 -11.16
C HIS A 302 -26.12 3.67 -11.31
N ILE A 303 -26.04 2.63 -10.50
CA ILE A 303 -24.85 1.76 -10.52
C ILE A 303 -25.27 0.35 -10.91
N HIS A 304 -24.63 -0.17 -11.94
CA HIS A 304 -24.98 -1.49 -12.52
C HIS A 304 -23.80 -2.44 -12.75
N SER A 305 -22.71 -2.16 -12.06
N SER A 305 -22.68 -2.15 -12.09
CA SER A 305 -21.51 -2.99 -12.14
CA SER A 305 -21.48 -2.99 -12.21
C SER A 305 -21.83 -4.39 -11.63
C SER A 305 -21.73 -4.34 -11.55
N THR A 306 -21.04 -5.36 -12.04
CA THR A 306 -21.24 -6.75 -11.59
C THR A 306 -19.94 -7.32 -11.06
N ASN A 307 -20.07 -8.14 -10.04
CA ASN A 307 -18.92 -8.87 -9.48
C ASN A 307 -18.90 -10.21 -10.21
N GLU A 308 -17.73 -10.69 -10.61
CA GLU A 308 -17.62 -11.87 -11.46
C GLU A 308 -16.33 -12.61 -11.12
N VAL A 309 -16.41 -13.91 -10.90
CA VAL A 309 -15.18 -14.71 -10.65
C VAL A 309 -14.42 -14.83 -11.99
N THR A 310 -13.15 -14.42 -11.95
CA THR A 310 -12.37 -14.23 -13.15
C THR A 310 -10.94 -14.74 -12.95
N ARG A 311 -10.31 -15.29 -13.99
CA ARG A 311 -8.95 -15.85 -13.82
C ARG A 311 -7.92 -14.72 -13.85
N ILE A 312 -6.91 -14.86 -12.98
CA ILE A 312 -5.82 -13.88 -12.92
C ILE A 312 -4.51 -14.69 -12.97
N TYR A 313 -3.38 -14.04 -13.34
CA TYR A 313 -2.15 -14.76 -13.60
C TYR A 313 -0.99 -14.02 -12.96
N ASN A 314 -0.24 -14.65 -12.07
CA ASN A 314 1.01 -14.07 -11.58
C ASN A 314 2.18 -14.69 -12.36
N VAL A 315 3.22 -13.92 -12.66
CA VAL A 315 4.42 -14.57 -13.24
C VAL A 315 5.40 -14.72 -12.08
N ILE A 316 5.98 -15.92 -11.92
CA ILE A 316 6.90 -16.20 -10.81
C ILE A 316 8.20 -16.72 -11.43
N GLY A 317 9.28 -15.96 -11.29
CA GLY A 317 10.60 -16.34 -11.87
C GLY A 317 11.52 -16.73 -10.74
N THR A 318 12.35 -17.75 -10.95
CA THR A 318 13.24 -18.26 -9.89
C THR A 318 14.68 -18.17 -10.40
N LEU A 319 15.55 -17.63 -9.56
CA LEU A 319 17.01 -17.71 -9.80
C LEU A 319 17.55 -18.50 -8.61
N ARG A 320 17.89 -19.77 -8.84
CA ARG A 320 18.29 -20.68 -7.72
C ARG A 320 19.64 -20.26 -7.06
N GLY A 321 19.63 -20.18 -5.72
CA GLY A 321 20.81 -19.90 -4.92
C GLY A 321 21.88 -21.01 -5.04
N ALA A 322 23.11 -20.58 -5.04
CA ALA A 322 24.27 -21.51 -5.11
C ALA A 322 24.57 -22.23 -3.79
N VAL A 323 24.27 -21.58 -2.67
CA VAL A 323 24.71 -22.12 -1.35
C VAL A 323 23.51 -22.42 -0.46
N GLU A 324 22.56 -21.49 -0.44
CA GLU A 324 21.31 -21.64 0.36
C GLU A 324 20.10 -21.52 -0.53
N PRO A 325 19.87 -22.52 -1.41
CA PRO A 325 18.73 -22.40 -2.30
C PRO A 325 17.37 -22.47 -1.58
N ASP A 326 17.36 -22.96 -0.33
CA ASP A 326 16.11 -22.97 0.43
C ASP A 326 15.92 -21.72 1.29
N ARG A 327 16.50 -20.58 0.87
CA ARG A 327 16.25 -19.31 1.51
C ARG A 327 15.86 -18.38 0.39
N TYR A 328 14.71 -17.73 0.54
CA TYR A 328 14.17 -16.92 -0.58
C TYR A 328 14.20 -15.45 -0.31
N VAL A 329 14.71 -14.69 -1.27
CA VAL A 329 14.61 -13.23 -1.24
C VAL A 329 13.67 -12.90 -2.42
N ILE A 330 12.61 -12.15 -2.15
CA ILE A 330 11.54 -11.99 -3.14
C ILE A 330 11.46 -10.52 -3.55
N LEU A 331 11.49 -10.28 -4.87
CA LEU A 331 11.26 -8.95 -5.42
C LEU A 331 9.95 -9.01 -6.20
N GLY A 332 8.92 -8.28 -5.77
CA GLY A 332 7.62 -8.45 -6.43
C GLY A 332 6.95 -7.11 -6.64
N GLY A 333 6.17 -7.01 -7.70
CA GLY A 333 5.35 -5.79 -7.86
C GLY A 333 4.23 -6.18 -8.82
N HIS A 334 3.21 -5.34 -8.93
CA HIS A 334 2.06 -5.78 -9.77
C HIS A 334 2.19 -5.29 -11.20
N ARG A 335 1.41 -5.93 -12.05
CA ARG A 335 1.40 -5.72 -13.50
C ARG A 335 0.06 -5.15 -13.96
N ASP A 336 -1.03 -5.41 -13.22
CA ASP A 336 -2.39 -4.95 -13.67
C ASP A 336 -2.51 -3.48 -13.37
N SER A 337 -3.25 -2.78 -14.23
CA SER A 337 -3.40 -1.33 -14.08
C SER A 337 -4.88 -1.03 -14.26
N TRP A 338 -5.32 0.15 -13.85
CA TRP A 338 -6.69 0.55 -14.12
C TRP A 338 -6.85 0.90 -15.59
N VAL A 339 -5.91 1.67 -16.15
CA VAL A 339 -5.94 1.95 -17.61
C VAL A 339 -4.53 1.71 -18.12
N PHE A 340 -3.75 2.73 -18.46
CA PHE A 340 -2.45 2.51 -19.08
C PHE A 340 -1.35 2.25 -18.07
N GLY A 341 -1.57 2.69 -16.83
CA GLY A 341 -0.59 2.40 -15.75
C GLY A 341 0.79 3.03 -15.94
N GLY A 342 0.84 4.23 -16.54
CA GLY A 342 2.11 4.89 -16.83
C GLY A 342 2.98 5.05 -15.61
N ILE A 343 2.39 5.41 -14.46
CA ILE A 343 3.18 5.39 -13.23
C ILE A 343 2.84 4.07 -12.46
N ASP A 344 1.56 3.86 -12.20
CA ASP A 344 1.10 2.77 -11.27
C ASP A 344 0.47 1.68 -12.16
N PRO A 345 1.15 0.54 -12.38
CA PRO A 345 2.41 0.12 -11.74
C PRO A 345 3.59 0.08 -12.70
N GLN A 346 3.41 0.49 -13.96
CA GLN A 346 4.43 0.11 -14.96
C GLN A 346 5.78 0.83 -14.76
N SER A 347 5.80 1.96 -14.07
CA SER A 347 7.11 2.54 -13.73
C SER A 347 7.87 1.64 -12.78
N GLY A 348 7.15 0.88 -11.96
CA GLY A 348 7.78 -0.13 -11.07
C GLY A 348 8.10 -1.41 -11.85
N ALA A 349 7.15 -1.87 -12.66
CA ALA A 349 7.33 -3.10 -13.43
C ALA A 349 8.48 -3.01 -14.41
N ALA A 350 8.70 -1.83 -15.00
CA ALA A 350 9.82 -1.64 -15.94
C ALA A 350 11.14 -1.76 -15.21
N VAL A 351 11.16 -1.26 -13.96
CA VAL A 351 12.36 -1.36 -13.08
C VAL A 351 12.62 -2.83 -12.71
N VAL A 352 11.55 -3.56 -12.33
CA VAL A 352 11.74 -4.99 -12.05
C VAL A 352 12.33 -5.71 -13.30
N HIS A 353 11.80 -5.39 -14.47
CA HIS A 353 12.22 -6.05 -15.72
C HIS A 353 13.71 -5.80 -15.94
N GLU A 354 14.16 -4.58 -15.70
CA GLU A 354 15.61 -4.29 -15.89
C GLU A 354 16.48 -4.94 -14.82
N ILE A 355 15.95 -5.04 -13.58
CA ILE A 355 16.66 -5.79 -12.53
C ILE A 355 16.82 -7.26 -12.89
N VAL A 356 15.75 -7.91 -13.37
CA VAL A 356 15.83 -9.32 -13.82
C VAL A 356 16.86 -9.46 -14.95
N ARG A 357 16.80 -8.56 -15.92
CA ARG A 357 17.76 -8.58 -17.05
C ARG A 357 19.19 -8.51 -16.53
N SER A 358 19.46 -7.61 -15.58
CA SER A 358 20.79 -7.46 -14.99
C SER A 358 21.26 -8.67 -14.20
N PHE A 359 20.40 -9.22 -13.32
CA PHE A 359 20.79 -10.45 -12.64
C PHE A 359 21.04 -11.56 -13.63
N GLY A 360 20.24 -11.62 -14.69
CA GLY A 360 20.39 -12.65 -15.71
C GLY A 360 21.69 -12.49 -16.48
N THR A 361 22.15 -11.27 -16.71
CA THR A 361 23.44 -11.07 -17.35
C THR A 361 24.58 -11.67 -16.52
N LEU A 362 24.50 -11.52 -15.20
CA LEU A 362 25.53 -12.10 -14.35
C LEU A 362 25.43 -13.62 -14.35
N LYS A 363 24.20 -14.15 -14.27
CA LYS A 363 23.97 -15.58 -14.33
C LYS A 363 24.58 -16.18 -15.59
N LYS A 364 24.39 -15.53 -16.73
CA LYS A 364 24.94 -16.04 -18.02
C LYS A 364 26.45 -16.11 -18.03
N GLU A 365 27.11 -15.32 -17.18
CA GLU A 365 28.57 -15.35 -17.01
C GLU A 365 29.04 -16.35 -15.94
N GLY A 366 28.11 -17.10 -15.36
CA GLY A 366 28.45 -18.16 -14.41
C GLY A 366 28.18 -17.87 -12.95
N TRP A 367 27.62 -16.70 -12.66
CA TRP A 367 27.40 -16.28 -11.30
C TRP A 367 26.03 -16.80 -10.86
N ARG A 368 25.92 -17.08 -9.58
CA ARG A 368 24.59 -17.24 -8.95
C ARG A 368 24.64 -16.58 -7.61
N PRO A 369 23.49 -16.05 -7.13
CA PRO A 369 23.42 -15.48 -5.79
C PRO A 369 23.56 -16.58 -4.75
N ARG A 370 23.94 -16.20 -3.55
CA ARG A 370 24.09 -17.19 -2.46
C ARG A 370 22.73 -17.83 -2.14
N ARG A 371 21.71 -16.98 -1.97
CA ARG A 371 20.33 -17.47 -1.72
C ARG A 371 19.49 -17.38 -2.98
N THR A 372 18.37 -18.08 -2.99
CA THR A 372 17.42 -18.03 -4.12
C THR A 372 16.73 -16.66 -4.18
N ILE A 373 16.62 -16.14 -5.38
CA ILE A 373 15.82 -14.94 -5.61
C ILE A 373 14.60 -15.30 -6.40
N LEU A 374 13.42 -14.90 -5.87
CA LEU A 374 12.18 -15.05 -6.61
C LEU A 374 11.75 -13.68 -7.11
N PHE A 375 11.25 -13.64 -8.33
CA PHE A 375 10.79 -12.38 -8.95
C PHE A 375 9.29 -12.59 -9.28
N ALA A 376 8.46 -11.61 -8.98
CA ALA A 376 7.02 -11.82 -9.17
C ALA A 376 6.44 -10.60 -9.88
N SER A 377 5.57 -10.89 -10.85
CA SER A 377 4.74 -9.92 -11.53
C SER A 377 3.31 -10.26 -11.06
N TRP A 378 2.77 -9.51 -10.10
CA TRP A 378 1.50 -9.90 -9.48
C TRP A 378 0.32 -9.37 -10.28
N ASP A 379 -0.76 -10.16 -10.30
CA ASP A 379 -1.98 -9.73 -11.01
C ASP A 379 -3.00 -9.24 -9.94
N ALA A 380 -3.99 -8.48 -10.43
CA ALA A 380 -5.14 -8.05 -9.62
C ALA A 380 -4.80 -7.34 -8.30
N GLU A 381 -3.69 -6.63 -8.29
CA GLU A 381 -3.37 -5.86 -7.09
C GLU A 381 -4.43 -4.80 -6.92
N GLU A 382 -4.88 -4.24 -8.04
CA GLU A 382 -5.79 -3.08 -7.96
C GLU A 382 -7.16 -3.48 -7.44
N PHE A 383 -7.46 -4.79 -7.39
CA PHE A 383 -8.78 -5.22 -6.89
C PHE A 383 -8.66 -5.79 -5.49
N GLY A 384 -7.54 -5.46 -4.79
CA GLY A 384 -7.41 -5.84 -3.38
C GLY A 384 -6.22 -6.74 -3.07
N LEU A 385 -5.13 -6.53 -3.77
CA LEU A 385 -3.89 -7.33 -3.46
C LEU A 385 -4.14 -8.83 -3.74
N LEU A 386 -4.99 -9.11 -4.74
CA LEU A 386 -5.51 -10.49 -4.86
C LEU A 386 -4.46 -11.51 -5.30
N GLY A 387 -3.66 -11.15 -6.28
CA GLY A 387 -2.69 -12.06 -6.86
C GLY A 387 -1.59 -12.42 -5.84
N SER A 388 -1.03 -11.41 -5.17
CA SER A 388 0.06 -11.68 -4.24
C SER A 388 -0.53 -12.48 -3.05
N THR A 389 -1.74 -12.11 -2.61
CA THR A 389 -2.29 -12.79 -1.42
C THR A 389 -2.65 -14.24 -1.69
N GLU A 390 -3.27 -14.54 -2.85
CA GLU A 390 -3.62 -15.94 -3.17
C GLU A 390 -2.35 -16.78 -3.30
N TRP A 391 -1.31 -16.22 -3.93
CA TRP A 391 -0.05 -16.98 -4.09
C TRP A 391 0.60 -17.25 -2.71
N ALA A 392 0.59 -16.22 -1.85
CA ALA A 392 1.14 -16.42 -0.52
C ALA A 392 0.28 -17.41 0.28
N GLU A 393 -1.03 -17.40 0.11
CA GLU A 393 -1.85 -18.44 0.79
C GLU A 393 -1.48 -19.85 0.29
N GLU A 394 -1.27 -19.98 -1.01
N GLU A 394 -1.28 -19.99 -1.02
CA GLU A 394 -0.90 -21.27 -1.57
CA GLU A 394 -0.85 -21.28 -1.57
C GLU A 394 0.48 -21.74 -1.05
C GLU A 394 0.45 -21.71 -0.91
N ASN A 395 1.41 -20.78 -0.88
CA ASN A 395 2.82 -21.15 -0.57
C ASN A 395 3.24 -20.78 0.84
N SER A 396 2.23 -20.60 1.74
CA SER A 396 2.55 -20.01 3.08
C SER A 396 3.56 -20.87 3.85
N ARG A 397 3.48 -22.19 3.73
CA ARG A 397 4.42 -23.03 4.50
C ARG A 397 5.87 -22.84 4.00
N LEU A 398 6.04 -22.72 2.68
CA LEU A 398 7.37 -22.51 2.16
C LEU A 398 7.86 -21.11 2.58
N LEU A 399 6.97 -20.15 2.54
CA LEU A 399 7.38 -18.78 2.85
C LEU A 399 7.70 -18.60 4.31
N GLN A 400 6.87 -19.23 5.18
N GLN A 400 6.94 -19.17 5.22
CA GLN A 400 7.03 -19.25 6.65
CA GLN A 400 7.25 -18.83 6.59
C GLN A 400 8.45 -19.62 7.02
C GLN A 400 8.43 -19.67 7.15
N GLU A 401 8.85 -20.74 6.46
CA GLU A 401 10.06 -21.41 6.91
C GLU A 401 11.30 -21.00 6.11
N ARG A 402 11.12 -20.37 4.96
CA ARG A 402 12.24 -20.09 4.05
C ARG A 402 12.37 -18.62 3.63
N GLY A 403 11.37 -17.81 3.91
CA GLY A 403 11.34 -16.43 3.38
C GLY A 403 12.27 -15.54 4.19
N VAL A 404 13.26 -15.02 3.51
CA VAL A 404 14.18 -14.09 4.16
C VAL A 404 13.62 -12.64 4.16
N ALA A 405 13.20 -12.17 2.99
CA ALA A 405 12.74 -10.81 2.83
C ALA A 405 11.93 -10.67 1.57
N TYR A 406 11.07 -9.65 1.59
CA TYR A 406 10.25 -9.24 0.44
C TYR A 406 10.49 -7.77 0.17
N ILE A 407 10.89 -7.46 -1.06
CA ILE A 407 11.07 -6.07 -1.48
C ILE A 407 9.95 -5.80 -2.51
N ASN A 408 9.13 -4.79 -2.23
CA ASN A 408 8.03 -4.49 -3.17
C ASN A 408 8.55 -3.61 -4.31
N ALA A 409 7.80 -3.56 -5.42
CA ALA A 409 8.26 -2.77 -6.59
C ALA A 409 7.07 -2.28 -7.37
N ASP A 410 6.27 -1.48 -6.71
CA ASP A 410 5.19 -0.76 -7.41
C ASP A 410 5.82 0.54 -7.94
N SER A 411 4.99 1.52 -8.27
N SER A 411 4.99 1.56 -8.22
CA SER A 411 5.43 2.78 -8.89
CA SER A 411 5.38 2.81 -8.89
C SER A 411 6.81 3.26 -8.38
C SER A 411 6.70 3.46 -8.45
N SER A 412 7.70 3.49 -9.33
CA SER A 412 9.06 3.99 -8.99
C SER A 412 9.08 5.47 -8.73
N ILE A 413 8.11 6.19 -9.26
N ILE A 413 8.13 6.19 -9.34
CA ILE A 413 8.06 7.61 -9.02
CA ILE A 413 8.19 7.66 -9.49
C ILE A 413 6.63 7.93 -8.64
C ILE A 413 6.85 8.32 -9.20
N GLU A 414 6.44 8.86 -7.75
N GLU A 414 6.53 8.46 -7.92
CA GLU A 414 5.14 9.47 -7.61
CA GLU A 414 5.37 9.23 -7.47
C GLU A 414 5.50 10.92 -7.54
C GLU A 414 5.53 10.74 -7.68
N GLY A 415 6.78 11.19 -7.77
CA GLY A 415 7.24 12.57 -7.86
C GLY A 415 8.73 12.51 -8.21
N ASN A 416 9.40 13.64 -8.20
CA ASN A 416 10.82 13.64 -8.52
C ASN A 416 11.66 14.47 -7.55
N TYR A 417 11.20 14.53 -6.29
CA TYR A 417 11.86 15.39 -5.31
C TYR A 417 12.90 14.62 -4.52
N THR A 418 12.47 13.53 -3.88
CA THR A 418 13.47 12.76 -3.12
C THR A 418 13.04 11.32 -2.93
N LEU A 419 13.92 10.51 -2.34
CA LEU A 419 13.56 9.12 -2.01
C LEU A 419 12.56 9.00 -0.88
N ARG A 420 11.76 7.94 -0.90
CA ARG A 420 10.76 7.65 0.15
C ARG A 420 10.93 6.17 0.43
N VAL A 421 11.29 5.84 1.66
CA VAL A 421 11.50 4.41 2.02
C VAL A 421 10.61 4.05 3.21
N ASP A 422 9.90 2.93 3.13
CA ASP A 422 9.15 2.39 4.27
C ASP A 422 9.67 0.94 4.44
N CYS A 423 10.02 0.52 5.65
CA CYS A 423 10.54 -0.85 5.80
C CYS A 423 10.54 -1.27 7.23
N THR A 424 10.79 -2.54 7.48
CA THR A 424 11.02 -2.98 8.84
C THR A 424 12.30 -2.35 9.43
N PRO A 425 12.31 -2.05 10.73
CA PRO A 425 13.56 -1.58 11.35
C PRO A 425 14.77 -2.51 11.04
N LEU A 426 14.50 -3.82 10.79
CA LEU A 426 15.64 -4.73 10.51
C LEU A 426 16.41 -4.34 9.27
N MET A 427 15.80 -3.56 8.38
N MET A 427 15.83 -3.55 8.39
CA MET A 427 16.46 -3.12 7.13
CA MET A 427 16.56 -3.14 7.18
C MET A 427 17.09 -1.73 7.19
C MET A 427 16.98 -1.69 7.15
N TYR A 428 16.88 -0.99 8.28
CA TYR A 428 17.35 0.40 8.32
C TYR A 428 18.84 0.54 7.98
N SER A 429 19.64 -0.31 8.62
CA SER A 429 21.12 -0.20 8.45
C SER A 429 21.51 -0.53 7.03
N LEU A 430 20.88 -1.55 6.46
CA LEU A 430 21.11 -1.91 5.05
C LEU A 430 20.78 -0.69 4.12
N VAL A 431 19.63 -0.06 4.34
CA VAL A 431 19.23 1.09 3.47
C VAL A 431 20.21 2.23 3.64
N HIS A 432 20.56 2.56 4.89
CA HIS A 432 21.56 3.64 5.10
C HIS A 432 22.85 3.33 4.36
N ASN A 433 23.35 2.10 4.52
CA ASN A 433 24.65 1.77 3.94
C ASN A 433 24.60 1.76 2.43
N LEU A 434 23.54 1.22 1.87
CA LEU A 434 23.46 1.19 0.41
C LEU A 434 23.34 2.58 -0.21
N THR A 435 22.45 3.41 0.35
CA THR A 435 22.28 4.77 -0.21
C THR A 435 23.53 5.64 -0.06
N LYS A 436 24.42 5.33 0.89
CA LYS A 436 25.71 6.05 0.95
C LYS A 436 26.64 5.69 -0.20
N GLU A 437 26.38 4.59 -0.88
N GLU A 437 26.37 4.56 -0.84
CA GLU A 437 27.26 4.15 -1.96
CA GLU A 437 27.19 3.99 -1.94
C GLU A 437 26.72 4.47 -3.34
C GLU A 437 26.61 4.23 -3.33
N LEU A 438 25.46 4.90 -3.41
CA LEU A 438 24.84 5.25 -4.68
C LEU A 438 24.91 6.76 -4.96
N LYS A 439 24.95 7.10 -6.23
CA LYS A 439 25.05 8.52 -6.66
C LYS A 439 23.67 9.18 -6.57
N SER A 440 23.59 10.42 -6.08
CA SER A 440 22.32 11.15 -6.14
C SER A 440 21.97 11.56 -7.57
N PRO A 441 20.70 11.43 -7.97
CA PRO A 441 20.35 11.92 -9.32
C PRO A 441 19.85 13.37 -9.28
N ASP A 442 19.84 13.97 -8.08
CA ASP A 442 19.13 15.23 -7.86
C ASP A 442 19.98 16.41 -8.36
N GLU A 443 19.30 17.42 -8.91
CA GLU A 443 19.99 18.65 -9.35
C GLU A 443 20.54 19.36 -8.12
N GLY A 444 21.80 19.79 -8.20
CA GLY A 444 22.47 20.44 -7.06
C GLY A 444 23.24 19.48 -6.17
N PHE A 445 23.07 18.18 -6.38
CA PHE A 445 23.80 17.18 -5.59
C PHE A 445 24.67 16.34 -6.48
N GLU A 446 25.10 16.88 -7.61
CA GLU A 446 25.94 16.06 -8.49
C GLU A 446 27.25 15.75 -7.75
N GLY A 447 27.65 14.49 -7.80
CA GLY A 447 28.83 14.06 -7.08
C GLY A 447 28.61 13.75 -5.60
N LYS A 448 27.38 13.91 -5.11
CA LYS A 448 27.06 13.57 -3.73
C LYS A 448 26.32 12.26 -3.72
N SER A 449 26.28 11.64 -2.55
CA SER A 449 25.57 10.36 -2.40
C SER A 449 24.07 10.56 -2.36
N LEU A 450 23.34 9.49 -2.67
CA LEU A 450 21.90 9.51 -2.51
C LEU A 450 21.55 9.69 -1.02
N TYR A 451 22.33 9.07 -0.11
CA TYR A 451 22.07 9.28 1.31
C TYR A 451 22.12 10.79 1.65
N GLU A 452 23.13 11.47 1.12
CA GLU A 452 23.23 12.91 1.39
C GLU A 452 22.02 13.73 0.91
N SER A 453 21.58 13.51 -0.33
CA SER A 453 20.44 14.27 -0.86
C SER A 453 19.14 13.92 -0.14
N TRP A 454 18.94 12.61 0.10
CA TRP A 454 17.75 12.13 0.77
C TRP A 454 17.68 12.68 2.20
N THR A 455 18.81 12.63 2.91
CA THR A 455 18.84 13.11 4.29
C THR A 455 18.57 14.63 4.34
N LYS A 456 19.09 15.37 3.37
CA LYS A 456 18.87 16.82 3.34
C LYS A 456 17.38 17.14 3.06
N LYS A 457 16.77 16.43 2.10
CA LYS A 457 15.40 16.75 1.69
C LYS A 457 14.32 16.16 2.57
N SER A 458 14.65 15.08 3.29
CA SER A 458 13.70 14.38 4.12
C SER A 458 14.32 13.97 5.46
N PRO A 459 14.67 14.96 6.30
CA PRO A 459 15.36 14.67 7.55
C PRO A 459 14.51 13.86 8.50
N SER A 460 15.15 12.99 9.27
CA SER A 460 14.48 12.28 10.35
C SER A 460 13.99 13.27 11.40
N PRO A 461 12.75 13.07 11.89
CA PRO A 461 12.18 13.90 12.98
C PRO A 461 12.90 13.73 14.33
N GLU A 462 13.49 12.56 14.59
CA GLU A 462 14.19 12.34 15.87
C GLU A 462 15.74 12.26 15.86
N PHE A 463 16.37 12.14 14.69
CA PHE A 463 17.83 11.99 14.64
C PHE A 463 18.51 12.90 13.62
N SER A 464 19.41 13.74 14.12
CA SER A 464 20.18 14.64 13.28
C SER A 464 21.05 13.85 12.32
N GLY A 465 21.02 14.23 11.04
CA GLY A 465 21.93 13.63 10.06
C GLY A 465 21.49 12.27 9.54
N MET A 466 20.26 11.89 9.84
CA MET A 466 19.63 10.65 9.33
C MET A 466 18.41 11.00 8.51
N PRO A 467 18.05 10.16 7.53
CA PRO A 467 16.83 10.40 6.77
C PRO A 467 15.58 9.81 7.42
N ARG A 468 14.41 10.27 7.00
CA ARG A 468 13.17 9.68 7.46
C ARG A 468 12.95 8.32 6.79
N ILE A 469 12.62 7.31 7.60
CA ILE A 469 12.08 6.03 7.07
C ILE A 469 10.78 5.68 7.77
N SER A 470 9.72 5.48 7.02
CA SER A 470 8.40 5.27 7.60
C SER A 470 8.09 3.82 7.85
N LYS A 471 6.97 3.63 8.56
N LYS A 471 7.12 3.56 8.71
CA LYS A 471 6.38 2.33 8.86
CA LYS A 471 6.69 2.17 8.90
C LYS A 471 5.62 1.80 7.67
C LYS A 471 5.87 1.78 7.67
N LEU A 472 5.64 0.49 7.53
CA LEU A 472 4.79 -0.11 6.50
C LEU A 472 3.34 -0.14 6.99
N GLY A 473 2.41 0.33 6.17
CA GLY A 473 1.02 -0.12 6.41
C GLY A 473 0.50 -1.18 5.48
N SER A 474 -0.48 -0.78 4.66
CA SER A 474 -0.90 -1.66 3.61
C SER A 474 -1.22 -0.86 2.31
N GLY A 475 -2.10 -1.43 1.49
CA GLY A 475 -2.42 -0.77 0.22
C GLY A 475 -1.42 -1.18 -0.86
N ASN A 476 -0.60 -2.20 -0.60
CA ASN A 476 0.30 -2.74 -1.67
C ASN A 476 0.68 -4.19 -1.38
N ASP A 477 1.41 -4.84 -2.30
CA ASP A 477 1.51 -6.30 -2.31
C ASP A 477 2.40 -6.86 -1.23
N PHE A 478 3.13 -6.01 -0.50
CA PHE A 478 3.89 -6.55 0.65
C PHE A 478 2.99 -6.97 1.82
N GLU A 479 1.71 -6.58 1.81
CA GLU A 479 0.86 -6.74 3.02
C GLU A 479 0.84 -8.20 3.47
N VAL A 480 0.56 -9.16 2.58
CA VAL A 480 0.47 -10.54 3.09
C VAL A 480 1.83 -11.02 3.65
N PHE A 481 2.92 -10.62 2.99
CA PHE A 481 4.25 -11.14 3.44
C PHE A 481 4.62 -10.58 4.78
N PHE A 482 4.31 -9.31 5.00
CA PHE A 482 4.74 -8.66 6.28
C PHE A 482 3.71 -8.81 7.41
N GLN A 483 2.48 -8.36 7.15
CA GLN A 483 1.44 -8.32 8.22
C GLN A 483 0.83 -9.72 8.52
N ARG A 484 0.75 -10.64 7.52
CA ARG A 484 0.22 -11.98 7.80
C ARG A 484 1.34 -12.96 8.14
N LEU A 485 2.41 -13.00 7.31
CA LEU A 485 3.40 -14.04 7.51
C LEU A 485 4.64 -13.62 8.31
N GLY A 486 4.86 -12.32 8.51
CA GLY A 486 6.02 -11.91 9.33
C GLY A 486 7.35 -12.06 8.63
N ILE A 487 7.36 -11.76 7.34
CA ILE A 487 8.62 -11.74 6.56
C ILE A 487 9.08 -10.27 6.45
N ALA A 488 10.33 -10.02 6.83
CA ALA A 488 10.91 -8.67 6.74
C ALA A 488 10.64 -8.09 5.37
N SER A 489 10.08 -6.88 5.32
CA SER A 489 9.67 -6.30 4.03
C SER A 489 10.13 -4.85 3.93
N GLY A 490 10.30 -4.39 2.68
CA GLY A 490 10.70 -2.98 2.48
C GLY A 490 10.25 -2.47 1.11
N ARG A 491 10.21 -1.14 0.97
CA ARG A 491 9.90 -0.55 -0.33
C ARG A 491 10.60 0.80 -0.44
N ALA A 492 10.85 1.22 -1.69
CA ALA A 492 11.56 2.52 -1.92
C ALA A 492 11.03 3.05 -3.22
N ARG A 493 10.80 4.35 -3.26
CA ARG A 493 10.46 5.00 -4.54
C ARG A 493 10.81 6.46 -4.46
N TYR A 494 10.76 7.17 -5.60
CA TYR A 494 10.92 8.60 -5.59
C TYR A 494 9.55 9.23 -5.38
N THR A 495 9.53 10.32 -4.63
CA THR A 495 8.29 10.95 -4.25
C THR A 495 8.35 12.49 -4.40
N LYS A 496 7.20 13.14 -4.17
CA LYS A 496 7.01 14.60 -4.19
C LYS A 496 7.41 15.23 -2.84
N ASN A 497 7.52 16.55 -2.81
CA ASN A 497 7.66 17.30 -1.55
C ASN A 497 6.36 17.22 -0.70
N TRP A 498 5.21 17.25 -1.37
CA TRP A 498 3.85 17.45 -0.81
C TRP A 498 3.45 16.49 0.35
N GLU A 499 3.83 16.86 1.58
CA GLU A 499 3.59 16.04 2.80
C GLU A 499 2.12 15.66 3.11
N THR A 500 1.20 16.61 2.93
CA THR A 500 -0.23 16.46 3.31
C THR A 500 -0.98 15.64 2.27
N ASN A 501 -0.29 15.42 1.16
CA ASN A 501 -0.79 14.59 0.10
C ASN A 501 -0.11 13.23 0.11
N LYS A 502 0.58 12.89 1.20
CA LYS A 502 1.42 11.67 1.18
C LYS A 502 0.56 10.38 0.98
N PHE A 503 -0.71 10.43 1.38
CA PHE A 503 -1.64 9.30 1.17
C PHE A 503 -2.67 9.59 0.03
N SER A 504 -2.64 10.80 -0.51
CA SER A 504 -3.70 11.19 -1.47
C SER A 504 -3.47 10.70 -2.92
N GLY A 505 -2.19 10.54 -3.30
CA GLY A 505 -1.81 10.16 -4.67
C GLY A 505 -1.42 11.45 -5.41
N TYR A 506 -0.59 11.29 -6.45
CA TYR A 506 -0.27 12.36 -7.40
C TYR A 506 -1.55 12.70 -8.19
N PRO A 507 -1.57 13.85 -8.88
CA PRO A 507 -2.88 14.31 -9.39
C PRO A 507 -3.56 13.37 -10.36
N LEU A 508 -2.79 12.67 -11.19
CA LEU A 508 -3.39 11.87 -12.26
C LEU A 508 -3.55 10.39 -11.88
N TYR A 509 -3.37 10.12 -10.59
CA TYR A 509 -3.54 8.75 -10.03
C TYR A 509 -4.82 8.04 -10.47
N HIS A 510 -4.68 6.88 -11.14
CA HIS A 510 -5.83 6.02 -11.56
C HIS A 510 -6.76 6.64 -12.60
N SER A 511 -6.24 7.63 -13.31
CA SER A 511 -6.99 8.32 -14.35
C SER A 511 -6.44 7.80 -15.77
N VAL A 512 -7.25 7.97 -16.82
CA VAL A 512 -6.83 7.63 -18.18
C VAL A 512 -5.60 8.47 -18.58
N TYR A 513 -5.33 9.56 -17.87
CA TYR A 513 -4.24 10.47 -18.28
C TYR A 513 -2.88 9.99 -17.78
N GLU A 514 -2.83 8.91 -16.99
CA GLU A 514 -1.56 8.42 -16.45
C GLU A 514 -0.92 7.52 -17.52
N THR A 515 -0.13 8.14 -18.39
CA THR A 515 0.37 7.54 -19.62
C THR A 515 1.88 7.56 -19.65
N TYR A 516 2.46 6.88 -20.65
CA TYR A 516 3.88 6.99 -20.92
C TYR A 516 4.31 8.47 -21.12
N GLU A 517 3.50 9.23 -21.85
CA GLU A 517 3.86 10.65 -22.10
C GLU A 517 3.90 11.48 -20.85
N LEU A 518 2.99 11.21 -19.90
CA LEU A 518 3.05 11.86 -18.62
C LEU A 518 4.43 11.71 -17.98
N VAL A 519 4.90 10.46 -17.94
CA VAL A 519 6.19 10.16 -17.30
C VAL A 519 7.35 10.80 -18.07
N GLU A 520 7.37 10.53 -19.38
CA GLU A 520 8.48 10.93 -20.24
C GLU A 520 8.57 12.46 -20.37
N LYS A 521 7.42 13.16 -20.36
CA LYS A 521 7.49 14.63 -20.51
C LYS A 521 7.66 15.35 -19.17
N PHE A 522 6.97 14.89 -18.12
CA PHE A 522 6.81 15.73 -16.93
C PHE A 522 7.42 15.18 -15.65
N TYR A 523 7.67 13.86 -15.59
CA TYR A 523 8.25 13.29 -14.37
C TYR A 523 9.74 13.00 -14.46
N ASP A 524 10.17 12.32 -15.52
CA ASP A 524 11.53 11.76 -15.53
C ASP A 524 12.02 11.56 -16.95
N PRO A 525 12.21 12.67 -17.69
CA PRO A 525 12.62 12.58 -19.09
C PRO A 525 13.87 11.77 -19.36
N MET A 526 14.86 11.82 -18.47
N MET A 526 14.85 11.86 -18.44
CA MET A 526 16.10 11.07 -18.69
CA MET A 526 16.16 11.18 -18.50
C MET A 526 16.05 9.66 -18.10
C MET A 526 16.14 9.78 -17.85
N PHE A 527 14.99 9.40 -17.32
CA PHE A 527 14.85 8.12 -16.61
C PHE A 527 15.92 7.92 -15.52
N LYS A 528 16.44 9.03 -15.02
CA LYS A 528 17.45 8.93 -13.98
C LYS A 528 16.86 8.63 -12.60
N TYR A 529 15.64 9.08 -12.34
CA TYR A 529 15.04 8.72 -11.05
C TYR A 529 14.67 7.27 -11.08
N HIS A 530 14.13 6.79 -12.20
CA HIS A 530 13.85 5.35 -12.36
C HIS A 530 15.15 4.54 -12.14
N LEU A 531 16.26 4.98 -12.74
CA LEU A 531 17.47 4.24 -12.56
C LEU A 531 17.89 4.22 -11.10
N THR A 532 17.79 5.36 -10.40
CA THR A 532 18.14 5.39 -8.96
C THR A 532 17.28 4.43 -8.15
N VAL A 533 15.97 4.43 -8.41
CA VAL A 533 15.09 3.44 -7.74
C VAL A 533 15.48 2.01 -8.08
N ALA A 534 15.82 1.73 -9.35
CA ALA A 534 16.32 0.38 -9.68
C ALA A 534 17.57 -0.01 -8.90
N GLN A 535 18.49 0.92 -8.73
CA GLN A 535 19.67 0.69 -7.90
C GLN A 535 19.37 0.40 -6.44
N VAL A 536 18.42 1.13 -5.87
CA VAL A 536 18.05 0.91 -4.48
C VAL A 536 17.35 -0.43 -4.34
N ARG A 537 16.32 -0.69 -5.14
CA ARG A 537 15.60 -1.97 -4.99
C ARG A 537 16.50 -3.16 -5.34
N GLY A 538 17.18 -3.06 -6.47
CA GLY A 538 18.11 -4.12 -6.90
C GLY A 538 19.25 -4.35 -5.93
N GLY A 539 19.79 -3.26 -5.41
CA GLY A 539 20.91 -3.31 -4.45
C GLY A 539 20.46 -3.99 -3.16
N MET A 540 19.25 -3.66 -2.70
N MET A 540 19.25 -3.65 -2.71
CA MET A 540 18.73 -4.34 -1.50
CA MET A 540 18.67 -4.31 -1.53
C MET A 540 18.58 -5.82 -1.73
C MET A 540 18.58 -5.80 -1.73
N VAL A 541 18.02 -6.21 -2.87
CA VAL A 541 17.84 -7.62 -3.21
C VAL A 541 19.21 -8.32 -3.28
N PHE A 542 20.16 -7.67 -3.99
CA PHE A 542 21.51 -8.21 -4.10
C PHE A 542 22.11 -8.48 -2.72
N GLU A 543 22.07 -7.50 -1.82
CA GLU A 543 22.67 -7.71 -0.49
C GLU A 543 21.94 -8.77 0.34
N LEU A 544 20.61 -8.78 0.29
CA LEU A 544 19.85 -9.77 1.04
C LEU A 544 20.14 -11.16 0.51
N ALA A 545 20.34 -11.27 -0.82
CA ALA A 545 20.53 -12.58 -1.44
C ALA A 545 21.99 -13.06 -1.40
N ASN A 546 22.92 -12.15 -1.13
CA ASN A 546 24.35 -12.53 -1.28
C ASN A 546 25.23 -12.35 -0.07
N SER A 547 24.79 -11.52 0.88
N SER A 547 24.78 -11.53 0.89
CA SER A 547 25.62 -11.29 2.08
CA SER A 547 25.59 -11.27 2.10
C SER A 547 25.76 -12.61 2.83
C SER A 547 25.71 -12.50 2.98
N ILE A 548 26.93 -12.83 3.40
CA ILE A 548 27.11 -14.08 4.19
C ILE A 548 26.26 -14.07 5.42
N VAL A 549 26.40 -13.00 6.19
CA VAL A 549 25.49 -12.80 7.32
C VAL A 549 24.32 -11.95 6.79
N LEU A 550 23.08 -12.36 7.07
CA LEU A 550 21.91 -11.55 6.61
C LEU A 550 22.08 -10.09 7.08
N PRO A 551 21.74 -9.09 6.22
CA PRO A 551 22.09 -7.70 6.57
C PRO A 551 20.95 -7.04 7.38
N PHE A 552 20.60 -7.65 8.50
CA PHE A 552 19.55 -7.17 9.43
C PHE A 552 20.22 -6.76 10.75
N ASP A 553 19.78 -5.64 11.33
CA ASP A 553 20.34 -5.24 12.64
C ASP A 553 19.22 -5.23 13.70
N CYS A 554 19.18 -6.25 14.56
N CYS A 554 19.21 -6.22 14.58
CA CYS A 554 18.14 -6.33 15.58
CA CYS A 554 18.16 -6.34 15.60
C CYS A 554 18.14 -5.16 16.53
C CYS A 554 18.20 -5.27 16.69
N ARG A 555 19.29 -4.50 16.75
CA ARG A 555 19.33 -3.37 17.69
C ARG A 555 18.45 -2.17 17.22
N ASP A 556 18.23 -2.07 15.91
CA ASP A 556 17.37 -1.00 15.38
C ASP A 556 15.90 -1.30 15.74
N TYR A 557 15.54 -2.59 15.87
CA TYR A 557 14.15 -2.89 16.32
C TYR A 557 14.05 -2.43 17.78
N ALA A 558 15.10 -2.67 18.58
CA ALA A 558 15.02 -2.29 20.02
C ALA A 558 14.76 -0.78 20.17
N VAL A 559 15.47 0.04 19.38
CA VAL A 559 15.28 1.49 19.41
C VAL A 559 13.82 1.86 19.08
N VAL A 560 13.28 1.28 18.01
CA VAL A 560 11.91 1.69 17.65
C VAL A 560 10.88 1.18 18.64
N LEU A 561 11.11 0.01 19.22
CA LEU A 561 10.11 -0.56 20.15
C LEU A 561 9.98 0.37 21.36
N ARG A 562 11.11 0.98 21.78
CA ARG A 562 11.04 1.94 22.89
C ARG A 562 10.25 3.19 22.49
N LYS A 563 10.51 3.71 21.30
N LYS A 563 10.49 3.69 21.28
CA LYS A 563 9.77 4.84 20.77
CA LYS A 563 9.76 4.83 20.74
C LYS A 563 8.26 4.53 20.75
C LYS A 563 8.26 4.56 20.66
N TYR A 564 7.89 3.35 20.23
CA TYR A 564 6.45 3.01 20.13
C TYR A 564 5.84 2.80 21.52
N ALA A 565 6.60 2.22 22.45
CA ALA A 565 6.07 2.05 23.80
C ALA A 565 5.84 3.42 24.45
N ASP A 566 6.79 4.34 24.30
CA ASP A 566 6.61 5.71 24.84
C ASP A 566 5.33 6.36 24.22
N LYS A 567 5.12 6.12 22.93
CA LYS A 567 4.02 6.73 22.22
C LYS A 567 2.67 6.20 22.73
N ILE A 568 2.55 4.87 22.86
CA ILE A 568 1.27 4.29 23.30
C ILE A 568 1.00 4.64 24.79
N TYR A 569 2.05 4.63 25.62
CA TYR A 569 1.92 5.05 27.02
C TYR A 569 1.37 6.50 27.06
N SER A 570 1.89 7.37 26.19
CA SER A 570 1.49 8.78 26.16
C SER A 570 0.01 8.94 25.78
N ILE A 571 -0.51 8.07 24.91
CA ILE A 571 -1.92 8.12 24.55
C ILE A 571 -2.78 7.73 25.77
N SER A 572 -2.33 6.70 26.48
CA SER A 572 -3.09 6.19 27.61
C SER A 572 -3.09 7.22 28.71
N MET A 573 -1.97 7.91 28.86
CA MET A 573 -1.81 8.91 29.95
C MET A 573 -2.64 10.18 29.80
N LYS A 574 -3.39 10.28 28.72
CA LYS A 574 -4.44 11.32 28.58
C LYS A 574 -5.64 10.99 29.49
N HIS A 575 -5.67 9.76 30.05
CA HIS A 575 -6.77 9.28 30.92
C HIS A 575 -6.25 8.84 32.29
N PRO A 576 -5.62 9.75 33.07
CA PRO A 576 -4.99 9.31 34.33
C PRO A 576 -5.97 8.72 35.32
N GLN A 577 -7.18 9.27 35.41
CA GLN A 577 -8.13 8.77 36.40
C GLN A 577 -8.49 7.31 36.12
N GLU A 578 -8.75 6.99 34.85
CA GLU A 578 -9.10 5.62 34.49
C GLU A 578 -7.92 4.66 34.71
N MET A 579 -6.70 5.14 34.41
CA MET A 579 -5.54 4.28 34.65
C MET A 579 -5.40 3.97 36.15
N LYS A 580 -5.78 4.91 37.02
CA LYS A 580 -5.73 4.65 38.47
C LYS A 580 -6.84 3.67 38.87
N THR A 581 -8.06 3.97 38.41
CA THR A 581 -9.24 3.15 38.71
C THR A 581 -9.11 1.69 38.32
N TYR A 582 -8.64 1.46 37.10
CA TYR A 582 -8.52 0.10 36.58
C TYR A 582 -7.12 -0.48 36.66
N SER A 583 -6.19 0.21 37.34
CA SER A 583 -4.84 -0.33 37.57
C SER A 583 -4.16 -0.69 36.24
N VAL A 584 -4.14 0.25 35.33
CA VAL A 584 -3.61 0.03 33.98
C VAL A 584 -2.12 0.36 34.02
N SER A 585 -1.28 -0.68 33.95
CA SER A 585 0.19 -0.50 34.02
C SER A 585 0.84 -0.87 32.70
N PHE A 586 1.75 -0.03 32.23
CA PHE A 586 2.57 -0.37 31.06
C PHE A 586 3.92 -0.97 31.50
N ASP A 587 4.06 -1.27 32.80
CA ASP A 587 5.36 -1.73 33.31
C ASP A 587 5.85 -2.98 32.57
N SER A 588 4.95 -3.93 32.31
CA SER A 588 5.38 -5.17 31.61
C SER A 588 5.87 -4.89 30.22
N LEU A 589 5.26 -3.95 29.52
CA LEU A 589 5.71 -3.63 28.17
C LEU A 589 7.09 -2.97 28.17
N PHE A 590 7.29 -2.02 29.07
CA PHE A 590 8.61 -1.44 29.15
C PHE A 590 9.67 -2.44 29.57
N SER A 591 9.30 -3.36 30.48
CA SER A 591 10.22 -4.42 30.90
C SER A 591 10.62 -5.29 29.71
N ALA A 592 9.64 -5.67 28.89
CA ALA A 592 9.91 -6.51 27.73
C ALA A 592 10.83 -5.78 26.74
N VAL A 593 10.58 -4.49 26.55
CA VAL A 593 11.37 -3.67 25.60
C VAL A 593 12.83 -3.55 26.12
N LYS A 594 12.98 -3.30 27.44
CA LYS A 594 14.30 -3.31 28.07
C LYS A 594 15.05 -4.62 27.88
N ASN A 595 14.34 -5.76 28.09
CA ASN A 595 14.92 -7.07 27.86
C ASN A 595 15.33 -7.28 26.40
N PHE A 596 14.46 -6.86 25.47
CA PHE A 596 14.76 -7.01 24.07
C PHE A 596 16.05 -6.21 23.76
N THR A 597 16.16 -5.00 24.31
CA THR A 597 17.36 -4.15 24.06
C THR A 597 18.64 -4.85 24.54
N GLU A 598 18.59 -5.40 25.76
CA GLU A 598 19.74 -6.11 26.39
C GLU A 598 20.10 -7.35 25.57
N ILE A 599 19.11 -8.17 25.22
CA ILE A 599 19.37 -9.40 24.49
C ILE A 599 19.85 -9.13 23.09
N ALA A 600 19.24 -8.15 22.42
CA ALA A 600 19.68 -7.75 21.06
C ALA A 600 21.15 -7.30 21.06
N SER A 601 21.54 -6.53 22.07
N SER A 601 21.54 -6.55 22.09
CA SER A 601 22.94 -6.08 22.19
CA SER A 601 22.92 -6.06 22.20
C SER A 601 23.90 -7.27 22.30
C SER A 601 23.91 -7.22 22.36
N LYS A 602 23.53 -8.23 23.14
CA LYS A 602 24.36 -9.43 23.31
C LYS A 602 24.43 -10.29 22.04
N PHE A 603 23.29 -10.43 21.35
CA PHE A 603 23.27 -11.17 20.11
C PHE A 603 24.18 -10.51 19.05
N SER A 604 24.12 -9.19 18.98
CA SER A 604 24.96 -8.46 18.03
C SER A 604 26.46 -8.69 18.29
N GLU A 605 26.84 -8.71 19.56
CA GLU A 605 28.24 -9.00 19.95
C GLU A 605 28.60 -10.40 19.45
N ARG A 606 27.72 -11.39 19.70
CA ARG A 606 28.01 -12.74 19.22
C ARG A 606 28.12 -12.78 17.72
N LEU A 607 27.31 -11.98 17.03
CA LEU A 607 27.25 -12.03 15.58
C LEU A 607 28.54 -11.47 14.98
N GLN A 608 29.16 -10.54 15.68
N GLN A 608 29.08 -10.46 15.65
CA GLN A 608 30.34 -9.89 15.13
CA GLN A 608 30.32 -9.80 15.28
C GLN A 608 31.57 -10.73 15.43
C GLN A 608 31.37 -10.22 16.29
N ASP A 609 31.44 -11.54 16.50
CA ASP A 609 32.50 -12.25 17.27
C ASP A 609 32.53 -13.76 16.97
N PHE A 610 31.55 -14.30 16.25
CA PHE A 610 31.50 -15.76 16.16
C PHE A 610 32.48 -16.30 15.14
N SER A 613 34.55 -19.39 10.80
N SER A 613 32.99 -19.60 8.31
CA SER A 613 34.64 -20.55 9.94
CA SER A 613 33.30 -20.74 7.44
C SER A 613 33.50 -21.59 10.10
C SER A 613 32.79 -22.05 8.07
N ASN A 614 32.57 -21.37 11.04
N ASN A 614 32.12 -21.96 9.21
CA ASN A 614 31.54 -22.36 11.38
CA ASN A 614 31.43 -23.12 9.77
C ASN A 614 30.20 -22.07 10.72
C ASN A 614 29.97 -23.14 9.27
N PRO A 615 29.86 -22.86 9.69
N PRO A 615 29.66 -23.96 8.22
CA PRO A 615 28.68 -22.50 8.90
CA PRO A 615 28.32 -23.89 7.62
C PRO A 615 27.41 -22.85 9.66
C PRO A 615 27.14 -24.02 8.58
N ILE A 616 27.49 -23.77 10.63
N ILE A 616 27.17 -24.94 9.54
CA ILE A 616 26.28 -24.11 11.43
CA ILE A 616 26.01 -25.06 10.43
C ILE A 616 25.95 -22.97 12.39
C ILE A 616 25.93 -23.93 11.45
N VAL A 617 26.97 -22.42 13.02
N VAL A 617 27.06 -23.49 11.98
CA VAL A 617 26.78 -21.25 13.86
CA VAL A 617 27.02 -22.34 12.90
C VAL A 617 26.29 -20.06 13.02
C VAL A 617 26.49 -21.08 12.19
N LEU A 618 26.90 -19.84 11.85
N LEU A 618 26.89 -20.88 10.94
CA LEU A 618 26.46 -18.80 10.93
CA LEU A 618 26.42 -19.73 10.19
C LEU A 618 24.98 -18.98 10.57
C LEU A 618 24.92 -19.88 9.95
N ARG A 619 24.59 -20.19 10.15
N ARG A 619 24.51 -21.10 9.69
CA ARG A 619 23.23 -20.40 9.68
CA ARG A 619 23.08 -21.35 9.48
C ARG A 619 22.30 -20.41 10.85
C ARG A 619 22.19 -20.95 10.69
N MET A 620 22.70 -21.08 11.93
CA MET A 620 21.94 -20.85 13.19
C MET A 620 21.70 -19.36 13.44
N MET A 621 22.74 -18.51 13.30
CA MET A 621 22.57 -17.09 13.55
C MET A 621 21.74 -16.43 12.43
N ASN A 622 21.93 -16.88 11.19
CA ASN A 622 21.12 -16.31 10.07
C ASN A 622 19.65 -16.72 10.32
N ASP A 623 19.42 -17.92 10.81
CA ASP A 623 18.00 -18.33 11.13
C ASP A 623 17.44 -17.43 12.25
N GLN A 624 18.24 -17.12 13.26
CA GLN A 624 17.76 -16.23 14.33
C GLN A 624 17.41 -14.88 13.72
N LEU A 625 18.23 -14.37 12.79
CA LEU A 625 17.93 -13.11 12.10
C LEU A 625 16.65 -13.19 11.25
N MET A 626 16.53 -14.29 10.52
N MET A 626 16.49 -14.22 10.44
CA MET A 626 15.40 -14.52 9.59
CA MET A 626 15.27 -14.29 9.60
C MET A 626 14.06 -14.66 10.31
C MET A 626 14.04 -14.44 10.46
N PHE A 627 14.10 -15.36 11.42
CA PHE A 627 12.88 -15.64 12.25
C PHE A 627 12.55 -14.55 13.25
N LEU A 628 13.35 -13.50 13.33
CA LEU A 628 13.08 -12.42 14.30
C LEU A 628 11.80 -11.67 13.88
N GLU A 629 11.69 -11.24 12.61
CA GLU A 629 10.40 -10.63 12.18
C GLU A 629 9.25 -11.63 12.42
N ARG A 630 9.51 -12.91 12.20
CA ARG A 630 8.47 -13.92 12.33
C ARG A 630 7.97 -14.02 13.79
N ALA A 631 8.87 -13.71 14.75
CA ALA A 631 8.47 -13.81 16.13
C ALA A 631 7.41 -12.81 16.55
N PHE A 632 7.25 -11.72 15.80
CA PHE A 632 6.19 -10.74 16.17
C PHE A 632 4.82 -11.14 15.69
N ILE A 633 4.70 -12.30 15.03
CA ILE A 633 3.37 -12.78 14.57
C ILE A 633 2.65 -13.44 15.75
N ASP A 634 1.38 -13.10 15.96
CA ASP A 634 0.53 -13.79 16.90
C ASP A 634 -0.42 -14.67 16.08
N PRO A 635 -0.40 -15.98 16.28
CA PRO A 635 -1.22 -16.85 15.42
C PRO A 635 -2.73 -16.63 15.62
N LEU A 636 -3.13 -15.92 16.66
CA LEU A 636 -4.57 -15.64 16.84
C LEU A 636 -5.03 -14.34 16.14
N GLY A 637 -4.08 -13.60 15.57
CA GLY A 637 -4.34 -12.35 14.84
C GLY A 637 -4.75 -11.20 15.77
N LEU A 638 -5.01 -10.04 15.21
CA LEU A 638 -5.53 -8.91 15.99
C LEU A 638 -7.05 -9.01 16.11
N PRO A 639 -7.65 -8.35 17.11
CA PRO A 639 -9.12 -8.42 17.29
C PRO A 639 -9.98 -8.15 16.04
N ASP A 640 -10.77 -9.13 15.63
CA ASP A 640 -11.63 -9.09 14.44
C ASP A 640 -10.92 -8.86 13.13
N ARG A 641 -9.59 -9.00 13.15
CA ARG A 641 -8.79 -8.89 11.91
C ARG A 641 -7.74 -10.06 11.93
N PRO A 642 -8.25 -11.29 11.69
CA PRO A 642 -7.40 -12.49 11.82
C PRO A 642 -6.23 -12.57 10.86
N PHE A 643 -6.26 -11.81 9.77
CA PHE A 643 -5.15 -11.86 8.82
C PHE A 643 -4.12 -10.74 9.04
N TYR A 644 -4.35 -9.89 10.04
CA TYR A 644 -3.27 -8.96 10.47
C TYR A 644 -2.73 -9.57 11.75
N ARG A 645 -1.55 -10.19 11.68
CA ARG A 645 -1.08 -11.02 12.80
C ARG A 645 0.17 -10.40 13.48
N HIS A 646 0.74 -9.35 12.88
CA HIS A 646 1.97 -8.77 13.42
C HIS A 646 1.53 -7.87 14.62
N VAL A 647 2.18 -8.05 15.76
CA VAL A 647 1.74 -7.39 17.00
C VAL A 647 2.33 -5.95 17.07
N ILE A 648 3.40 -5.70 16.34
CA ILE A 648 4.03 -4.36 16.43
C ILE A 648 3.41 -3.44 15.39
N TYR A 649 3.09 -3.95 14.19
CA TYR A 649 2.58 -3.06 13.12
C TYR A 649 1.30 -3.63 12.52
N ALA A 650 0.35 -2.77 12.18
CA ALA A 650 -0.78 -3.23 11.35
C ALA A 650 -1.18 -2.01 10.57
N PRO A 651 -1.90 -2.20 9.46
CA PRO A 651 -2.50 -1.06 8.81
C PRO A 651 -3.47 -0.37 9.76
N SER A 652 -3.50 0.96 9.74
CA SER A 652 -4.40 1.69 10.61
C SER A 652 -5.84 1.29 10.33
N SER A 653 -6.63 1.07 11.39
CA SER A 653 -8.07 0.73 11.19
C SER A 653 -8.85 1.94 10.58
N HIS A 654 -8.24 3.12 10.57
CA HIS A 654 -8.88 4.33 9.99
C HIS A 654 -8.34 4.68 8.62
N ASN A 655 -7.30 3.97 8.20
CA ASN A 655 -6.63 4.35 6.94
C ASN A 655 -5.65 3.24 6.58
N LYS A 656 -6.08 2.36 5.68
CA LYS A 656 -5.30 1.16 5.30
C LYS A 656 -3.88 1.55 4.82
N TYR A 657 -3.72 2.75 4.29
CA TYR A 657 -2.43 3.13 3.72
C TYR A 657 -1.38 3.42 4.80
N ALA A 658 -1.83 3.82 6.00
CA ALA A 658 -0.90 4.22 7.08
C ALA A 658 -0.56 3.04 8.00
N GLY A 659 0.69 2.93 8.48
CA GLY A 659 0.97 1.85 9.48
C GLY A 659 0.64 2.43 10.85
N GLU A 660 0.25 1.56 11.77
CA GLU A 660 0.02 1.92 13.16
C GLU A 660 0.93 1.04 13.99
N SER A 661 1.60 1.59 15.02
CA SER A 661 2.39 0.71 15.90
C SER A 661 1.58 0.31 17.13
N PHE A 662 1.93 -0.83 17.74
CA PHE A 662 1.15 -1.49 18.83
C PHE A 662 -0.33 -1.33 18.52
N PRO A 663 -0.76 -1.80 17.34
CA PRO A 663 -2.11 -1.58 16.86
C PRO A 663 -3.17 -2.18 17.78
N GLY A 664 -2.87 -3.31 18.46
CA GLY A 664 -3.88 -3.88 19.37
C GLY A 664 -4.19 -2.91 20.52
N ILE A 665 -3.14 -2.33 21.11
CA ILE A 665 -3.36 -1.38 22.22
C ILE A 665 -3.93 -0.08 21.65
N TYR A 666 -3.41 0.37 20.50
CA TYR A 666 -3.91 1.63 19.92
C TYR A 666 -5.44 1.57 19.70
N ASP A 667 -5.92 0.50 19.06
CA ASP A 667 -7.36 0.38 18.80
C ASP A 667 -8.17 0.22 20.08
N ALA A 668 -7.60 -0.46 21.08
CA ALA A 668 -8.29 -0.54 22.39
C ALA A 668 -8.46 0.84 23.06
N LEU A 669 -7.51 1.75 22.86
CA LEU A 669 -7.54 3.08 23.50
C LEU A 669 -8.35 4.09 22.66
N PHE A 670 -8.52 3.79 21.39
CA PHE A 670 -9.08 4.79 20.47
C PHE A 670 -10.52 5.16 20.85
N ASP A 671 -10.75 6.46 21.05
CA ASP A 671 -12.11 6.96 21.40
C ASP A 671 -12.65 6.24 22.65
N ILE A 672 -11.77 5.89 23.60
CA ILE A 672 -12.23 5.05 24.74
C ILE A 672 -13.19 5.83 25.66
N GLU A 673 -13.01 7.15 25.70
CA GLU A 673 -13.87 8.00 26.55
C GLU A 673 -15.35 7.97 26.16
N SER A 674 -15.64 7.44 24.96
CA SER A 674 -17.02 7.31 24.46
C SER A 674 -17.64 5.96 24.70
N LYS A 675 -16.90 4.99 25.25
CA LYS A 675 -17.40 3.62 25.42
C LYS A 675 -18.34 3.57 26.63
N VAL A 676 -19.43 2.84 26.54
N VAL A 676 -19.43 2.82 26.48
CA VAL A 676 -20.45 2.88 27.62
CA VAL A 676 -20.49 2.73 27.50
C VAL A 676 -20.21 1.89 28.79
C VAL A 676 -19.98 2.11 28.80
N ASP A 677 -19.18 1.05 28.68
CA ASP A 677 -18.73 0.21 29.80
C ASP A 677 -17.21 0.39 29.96
N PRO A 678 -16.80 1.39 30.75
CA PRO A 678 -15.38 1.68 30.84
C PRO A 678 -14.58 0.53 31.46
N SER A 679 -15.17 -0.22 32.40
N SER A 679 -15.17 -0.23 32.38
CA SER A 679 -14.46 -1.35 32.99
CA SER A 679 -14.50 -1.36 33.01
C SER A 679 -14.09 -2.39 31.93
C SER A 679 -14.11 -2.42 31.97
N LYS A 680 -15.05 -2.73 31.08
CA LYS A 680 -14.80 -3.62 29.97
C LYS A 680 -13.75 -3.05 28.99
N ALA A 681 -13.89 -1.75 28.66
CA ALA A 681 -12.97 -1.16 27.66
C ALA A 681 -11.53 -1.11 28.20
N TRP A 682 -11.37 -0.71 29.46
CA TRP A 682 -10.00 -0.65 30.04
C TRP A 682 -9.44 -2.06 30.28
N GLY A 683 -10.31 -3.03 30.55
CA GLY A 683 -9.87 -4.44 30.63
C GLY A 683 -9.25 -4.88 29.32
N GLU A 684 -9.84 -4.44 28.21
CA GLU A 684 -9.31 -4.80 26.91
C GLU A 684 -7.99 -4.08 26.63
N VAL A 685 -7.84 -2.82 27.07
CA VAL A 685 -6.51 -2.16 27.01
C VAL A 685 -5.49 -3.03 27.76
N LYS A 686 -5.82 -3.46 28.99
CA LYS A 686 -4.84 -4.25 29.75
C LYS A 686 -4.54 -5.59 29.06
N ARG A 687 -5.57 -6.19 28.46
CA ARG A 687 -5.31 -7.44 27.73
C ARG A 687 -4.33 -7.21 26.59
N GLN A 688 -4.50 -6.10 25.86
CA GLN A 688 -3.59 -5.84 24.73
C GLN A 688 -2.18 -5.46 25.21
N ILE A 689 -2.03 -4.80 26.37
CA ILE A 689 -0.70 -4.55 26.89
C ILE A 689 -0.02 -5.90 27.18
N TYR A 690 -0.73 -6.80 27.84
CA TYR A 690 -0.20 -8.17 28.11
C TYR A 690 0.23 -8.88 26.81
N VAL A 691 -0.64 -8.86 25.80
CA VAL A 691 -0.26 -9.54 24.52
C VAL A 691 1.00 -8.93 23.91
N ALA A 692 1.07 -7.60 23.95
CA ALA A 692 2.22 -6.90 23.39
C ALA A 692 3.48 -7.16 24.20
N ALA A 693 3.41 -7.07 25.54
CA ALA A 693 4.62 -7.33 26.37
C ALA A 693 5.10 -8.78 26.19
N PHE A 694 4.15 -9.71 26.15
CA PHE A 694 4.51 -11.11 25.96
C PHE A 694 5.19 -11.30 24.62
N THR A 695 4.66 -10.69 23.56
CA THR A 695 5.20 -10.94 22.19
C THR A 695 6.58 -10.33 22.08
N VAL A 696 6.76 -9.13 22.66
CA VAL A 696 8.12 -8.50 22.64
C VAL A 696 9.10 -9.38 23.37
N GLN A 697 8.73 -9.86 24.55
CA GLN A 697 9.66 -10.75 25.30
C GLN A 697 9.93 -12.06 24.54
N ALA A 698 8.89 -12.63 23.96
CA ALA A 698 9.07 -13.88 23.19
C ALA A 698 10.01 -13.66 22.00
N ALA A 699 9.85 -12.53 21.29
CA ALA A 699 10.73 -12.22 20.18
C ALA A 699 12.16 -12.04 20.71
N ALA A 700 12.32 -11.28 21.80
CA ALA A 700 13.67 -11.15 22.44
C ALA A 700 14.33 -12.53 22.69
N GLU A 701 13.54 -13.46 23.23
CA GLU A 701 14.06 -14.77 23.60
C GLU A 701 14.52 -15.58 22.40
N THR A 702 14.02 -15.29 21.19
CA THR A 702 14.54 -15.98 19.98
C THR A 702 16.00 -15.58 19.70
N LEU A 703 16.46 -14.46 20.26
CA LEU A 703 17.84 -14.00 20.07
C LEU A 703 18.76 -14.42 21.20
N SER A 704 18.20 -15.00 22.27
CA SER A 704 19.08 -15.60 23.31
C SER A 704 19.93 -16.77 22.75
N GLU A 705 20.99 -17.15 23.49
CA GLU A 705 21.67 -18.42 23.14
C GLU A 705 20.64 -19.57 23.09
N VAL A 706 20.78 -20.41 22.06
CA VAL A 706 19.71 -21.38 21.73
C VAL A 706 19.65 -22.57 22.71
N ALA A 707 20.74 -22.78 23.46
CA ALA A 707 20.83 -23.92 24.45
C ALA A 707 22.12 -23.78 25.24
C1 NAG B . 6.63 -5.18 -26.33
C2 NAG B . 5.91 -5.09 -27.66
C3 NAG B . 5.69 -6.49 -28.22
C4 NAG B . 6.95 -7.36 -28.24
C5 NAG B . 7.66 -7.26 -26.89
C6 NAG B . 9.02 -8.01 -26.87
C7 NAG B . 4.43 -3.20 -27.85
C8 NAG B . 3.05 -2.67 -27.62
N2 NAG B . 4.62 -4.48 -27.46
O3 NAG B . 5.32 -6.31 -29.56
O4 NAG B . 6.49 -8.67 -28.48
O5 NAG B . 7.85 -5.91 -26.52
O6 NAG B . 9.91 -7.39 -27.79
O7 NAG B . 5.31 -2.49 -28.33
C1 NAG B . 7.20 -9.29 -29.59
C2 NAG B . 7.11 -10.82 -29.48
C3 NAG B . 7.64 -11.55 -30.75
C4 NAG B . 7.21 -10.91 -32.09
C5 NAG B . 7.40 -9.38 -31.99
C6 NAG B . 6.87 -8.65 -33.23
C7 NAG B . 7.29 -11.72 -27.15
C8 NAG B . 5.83 -11.52 -26.97
N2 NAG B . 7.82 -11.36 -28.32
O3 NAG B . 7.18 -12.88 -30.67
O4 NAG B . 7.88 -11.47 -33.23
O5 NAG B . 6.69 -8.86 -30.85
O6 NAG B . 5.46 -8.70 -33.16
O7 NAG B . 7.98 -12.20 -26.22
C1 NAG C . -25.83 -5.39 -18.69
C2 NAG C . -26.40 -6.67 -18.10
C3 NAG C . -27.48 -7.33 -18.97
C4 NAG C . -28.34 -6.31 -19.75
C5 NAG C . -27.49 -5.13 -20.25
C6 NAG C . -28.28 -4.07 -21.02
C7 NAG C . -25.04 -8.06 -16.67
C8 NAG C . -25.96 -7.75 -15.53
N2 NAG C . -25.28 -7.55 -17.88
O3 NAG C . -28.29 -8.04 -18.05
O4 NAG C . -28.99 -6.97 -20.84
O5 NAG C . -26.82 -4.53 -19.15
O6 NAG C . -29.22 -3.45 -20.18
O7 NAG C . -24.08 -8.80 -16.49
C1 NAG C . -30.44 -7.06 -20.65
C2 NAG C . -31.06 -7.16 -22.06
C3 NAG C . -32.53 -7.61 -22.01
C4 NAG C . -32.76 -8.77 -21.05
C5 NAG C . -32.25 -8.33 -19.68
C6 NAG C . -32.63 -9.30 -18.55
C7 NAG C . -30.14 -5.65 -23.79
C8 NAG C . -30.25 -4.30 -24.46
N2 NAG C . -31.01 -5.91 -22.81
O3 NAG C . -32.91 -7.94 -23.33
O4 NAG C . -34.14 -9.13 -21.05
O5 NAG C . -30.84 -8.11 -19.75
O6 NAG C . -31.48 -9.83 -17.92
O7 NAG C . -29.27 -6.44 -24.14
C1 FUC C . -30.34 -2.97 -20.98
C2 FUC C . -31.62 -2.90 -20.14
C3 FUC C . -31.41 -1.81 -19.08
C4 FUC C . -31.10 -0.48 -19.77
C5 FUC C . -29.87 -0.64 -20.69
C6 FUC C . -29.48 0.64 -21.43
O2 FUC C . -32.00 -4.16 -19.60
O3 FUC C . -32.53 -1.67 -18.23
O4 FUC C . -32.25 -0.09 -20.50
O5 FUC C . -30.07 -1.72 -21.61
C1 NAG D . -29.55 12.17 -18.43
C2 NAG D . -30.31 13.11 -19.38
C3 NAG D . -31.76 12.64 -19.49
C4 NAG D . -31.88 11.13 -19.78
C5 NAG D . -30.97 10.29 -18.84
C6 NAG D . -30.92 8.84 -19.25
C7 NAG D . -29.60 15.45 -19.42
C8 NAG D . -29.70 16.82 -18.79
N2 NAG D . -30.32 14.47 -18.88
O3 NAG D . -32.43 13.43 -20.48
O4 NAG D . -33.23 10.75 -19.58
O5 NAG D . -29.65 10.81 -18.87
O6 NAG D . -30.38 8.78 -20.54
O7 NAG D . -28.90 15.28 -20.41
C1 NAG D . -33.77 9.95 -20.68
C2 NAG D . -34.95 9.14 -20.13
C3 NAG D . -35.69 8.37 -21.24
C4 NAG D . -35.97 9.29 -22.44
C5 NAG D . -34.63 9.89 -22.90
C6 NAG D . -34.71 10.70 -24.20
C7 NAG D . -34.61 8.47 -17.78
C8 NAG D . -34.06 7.41 -16.87
N2 NAG D . -34.50 8.22 -19.10
O3 NAG D . -36.91 7.89 -20.74
O4 NAG D . -36.70 8.58 -23.44
O5 NAG D . -34.12 10.70 -21.84
O6 NAG D . -35.26 11.97 -23.95
O7 NAG D . -35.10 9.49 -17.30
C1 FUC D . -30.21 7.39 -20.93
C2 FUC D . -30.00 7.36 -22.44
C3 FUC D . -28.74 8.20 -22.74
C4 FUC D . -27.51 7.66 -21.98
C5 FUC D . -27.82 7.42 -20.50
C6 FUC D . -26.72 6.59 -19.81
O2 FUC D . -31.19 7.82 -23.05
O3 FUC D . -28.47 8.22 -24.13
O4 FUC D . -27.02 6.44 -22.55
O5 FUC D . -29.08 6.75 -20.33
C1 NAG E . 26.59 -0.83 7.64
C2 NAG E . 26.55 -2.29 8.09
C3 NAG E . 27.18 -2.41 9.46
C4 NAG E . 28.58 -1.77 9.45
C5 NAG E . 28.51 -0.34 8.92
C6 NAG E . 29.85 0.39 8.78
C7 NAG E . 24.64 -3.86 7.58
C8 NAG E . 25.63 -4.67 6.81
N2 NAG E . 25.14 -2.78 8.17
O3 NAG E . 27.23 -3.78 9.81
O4 NAG E . 29.03 -1.76 10.80
O5 NAG E . 27.96 -0.37 7.61
O6 NAG E . 30.71 -0.42 8.02
O7 NAG E . 23.41 -4.24 7.71
C1 NAG E . 30.35 -2.35 10.90
C2 NAG E . 30.83 -1.96 12.31
C3 NAG E . 32.19 -2.59 12.63
C4 NAG E . 32.19 -4.10 12.30
C5 NAG E . 31.59 -4.38 10.92
C6 NAG E . 31.48 -5.88 10.64
C7 NAG E . 30.03 0.27 13.04
C8 NAG E . 28.85 -0.32 13.76
N2 NAG E . 30.92 -0.51 12.39
O3 NAG E . 32.45 -2.37 14.02
O4 NAG E . 33.55 -4.56 12.27
O5 NAG E . 30.28 -3.77 10.82
O6 NAG E . 30.53 -6.45 11.54
O7 NAG E . 30.16 1.50 13.04
C1 BMA E . 33.86 -5.38 13.44
C2 BMA E . 34.58 -6.68 13.03
C3 BMA E . 34.86 -7.58 14.25
C4 BMA E . 35.49 -6.78 15.41
C5 BMA E . 34.84 -5.39 15.58
C6 BMA E . 35.57 -4.47 16.57
O2 BMA E . 35.83 -6.30 12.42
O3 BMA E . 35.72 -8.69 13.91
O4 BMA E . 35.36 -7.54 16.62
O5 BMA E . 34.73 -4.68 14.33
O6 BMA E . 34.59 -4.09 17.56
C1 NAG F . 12.61 -9.24 31.65
C2 NAG F . 11.28 -9.94 31.89
C3 NAG F . 11.20 -10.26 33.38
C4 NAG F . 12.41 -11.09 33.84
C5 NAG F . 13.71 -10.41 33.41
C6 NAG F . 14.91 -11.30 33.78
C7 NAG F . 9.12 -9.65 30.80
C8 NAG F . 8.05 -8.70 30.39
N2 NAG F . 10.15 -9.09 31.44
O3 NAG F . 10.04 -11.00 33.63
O4 NAG F . 12.55 -11.16 35.27
O5 NAG F . 13.64 -10.17 32.03
O6 NAG F . 16.08 -10.48 33.89
O7 NAG F . 9.04 -10.85 30.53
C1 NAG F . 11.67 -12.15 35.82
C2 NAG F . 12.37 -12.92 36.92
C3 NAG F . 11.37 -13.79 37.69
C4 NAG F . 10.23 -12.91 38.25
C5 NAG F . 9.59 -12.20 37.05
C6 NAG F . 8.45 -11.28 37.51
C7 NAG F . 14.71 -13.58 36.54
C8 NAG F . 15.18 -12.36 37.29
N2 NAG F . 13.40 -13.81 36.39
O3 NAG F . 12.08 -14.46 38.72
O4 NAG F . 9.17 -13.67 38.81
O5 NAG F . 10.58 -11.43 36.35
O6 NAG F . 8.97 -10.13 38.15
O7 NAG F . 15.55 -14.35 36.08
C1 BMA F . 9.34 -13.90 40.21
C2 BMA F . 7.95 -13.89 40.87
C3 BMA F . 8.03 -14.30 42.32
C4 BMA F . 8.77 -15.64 42.40
C5 BMA F . 10.11 -15.58 41.69
C6 BMA F . 10.83 -16.93 41.70
O2 BMA F . 7.12 -14.82 40.15
O3 BMA F . 6.70 -14.48 42.76
O4 BMA F . 8.89 -16.01 43.75
O5 BMA F . 9.90 -15.20 40.31
O6 BMA F . 11.97 -16.80 40.83
C1 MAN F . 6.49 -13.86 44.06
C2 MAN F . 5.19 -14.44 44.61
C3 MAN F . 3.97 -13.88 43.84
C4 MAN F . 4.00 -12.37 43.72
C5 MAN F . 5.36 -11.94 43.17
C6 MAN F . 5.49 -10.44 42.91
O2 MAN F . 5.16 -14.15 45.99
O3 MAN F . 2.73 -14.23 44.38
O4 MAN F . 2.95 -11.95 42.84
O5 MAN F . 6.38 -12.44 44.02
O6 MAN F . 5.37 -9.69 44.11
C1 NAG G . -31.01 9.20 12.20
C2 NAG G . -31.23 8.82 13.65
C3 NAG G . -31.75 7.38 13.70
C4 NAG G . -33.12 7.33 13.03
C5 NAG G . -33.12 7.91 11.61
C6 NAG G . -34.57 8.35 11.31
C7 NAG G . -29.81 10.06 15.28
C8 NAG G . -28.52 10.03 16.05
N2 NAG G . -30.03 9.00 14.49
O3 NAG G . -31.88 6.98 15.05
O4 NAG G . -33.61 6.00 12.99
O5 NAG G . -32.22 9.03 11.43
O6 NAG G . -34.85 8.50 9.94
O7 NAG G . -30.57 11.05 15.39
C1 NAG H . 10.06 17.09 -11.99
C2 NAG H . 8.78 17.80 -11.56
C3 NAG H . 8.59 19.17 -12.28
C4 NAG H . 9.85 20.01 -12.09
C5 NAG H . 11.00 19.12 -12.59
C6 NAG H . 12.31 19.84 -12.90
C7 NAG H . 6.80 16.60 -11.04
C8 NAG H . 5.72 15.72 -11.57
N2 NAG H . 7.69 16.95 -11.93
O3 NAG H . 7.43 19.80 -11.78
O4 NAG H . 9.74 21.24 -12.83
O5 NAG H . 11.16 17.95 -11.76
O6 NAG H . 13.26 19.47 -11.93
O7 NAG H . 6.84 16.92 -9.86
ZN ZN I . -3.17 1.76 -8.12
ZN ZN J . 0.10 0.04 -7.77
CA CA K . -7.95 -16.97 -0.86
CL CL L . 6.65 0.05 -3.80
CAJ 2G4 M . -0.24 6.94 -4.75
CAH 2G4 M . 0.95 7.61 -5.04
CAG 2G4 M . 1.58 8.37 -4.07
CAI 2G4 M . 1.05 8.50 -2.77
CAK 2G4 M . -0.15 7.83 -2.46
CAV 2G4 M . -0.78 7.05 -3.45
CAP 2G4 M . -2.08 6.36 -3.09
CAM 2G4 M . -1.74 4.99 -2.59
CAL 2G4 M . -1.17 4.12 -3.73
CAN 2G4 M . -1.62 2.66 -3.46
OAS 2G4 M . -1.08 1.89 -4.51
PAX 2G4 M . -2.06 1.08 -5.40
OAF 2G4 M . -1.23 0.27 -6.35
OAC 2G4 M . -3.01 2.02 -6.19
N 2G4 M . -2.92 0.09 -4.40
CA 2G4 M . -4.38 -0.06 -4.68
C 2G4 M . -5.20 1.19 -4.22
OXT 2G4 M . -4.73 1.86 -3.27
O 2G4 M . -6.28 1.43 -4.83
CB 2G4 M . -5.05 -1.31 -4.02
CG 2G4 M . -4.77 -1.28 -2.51
CD 2G4 M . -5.62 -2.31 -1.72
OE2 2G4 M . -6.69 -2.74 -2.22
OE1 2G4 M . -5.24 -2.58 -0.54
#